data_8XBY
#
_entry.id   8XBY
#
loop_
_entity.id
_entity.type
_entity.pdbx_description
1 polymer "DNA (5'-D(P*AP*AP*CP*GP*AP*AP*AP*AP*CP*GP*GP*CP*CP*AP*CP*CP*AP*CP*G)-3')"
2 polymer "DNA (5'-D(P*CP*GP*TP*GP*GP*TP*GP*GP*CP*CP*GP*TP*TP*TP*TP*CP*GP*TP*T)-3')"
3 polymer 'DNA repair protein RAD51 homolog 1'
#
loop_
_entity_poly.entity_id
_entity_poly.type
_entity_poly.pdbx_seq_one_letter_code
_entity_poly.pdbx_strand_id
1 'polydeoxyribonucleotide'
;(DA)(DT)(DC)(DA)(DG)(DA)(DA)(DT)(DC)(DC)(DC)(DG)(DG)(DT)(DG)(DC)(DC)(DG)(DA)(DG)
(DG)(DC)(DC)(DG)(DC)(DT)(DC)(DA)(DA)(DT)(DT)(DG)(DG)(DT)(DC)(DG)(DT)(DA)(DG)(DA)
(DC)(DA)(DG)(DC)(DT)(DC)(DT)(DA)(DG)(DC)(DA)(DC)(DC)(DG)(DC)(DT)(DT)(DA)(DA)(DA)
(DC)(DG)(DC)(DA)(DC)(DG)(DT)(DA)(DC)(DG)(DC)(DG)(DC)(DT)(DG)(DT)(DC)(DC)(DC)(DC)
(DC)(DG)(DC)(DG)(DT)(DT)(DT)(DT)(DA)(DA)(DC)(DC)(DG)(DC)(DC)(DA)(DA)(DG)(DG)(DG)
(DG)(DA)(DT)(DT)(DA)(DC)(DA)(DC)(DC)(DC)(DA)(DA)(DG)(DA)(DC)(DA)(DC)(DC)(DA)(DG)
(DG)(DC)(DA)(DC)(DG)(DA)(DG)(DA)(DC)(DA)(DG)(DA)(DA)(DA)(DA)(DA)(DA)(DA)(DC)(DA)
(DA)(DC)(DG)(DA)(DA)(DA)(DA)(DC)(DG)(DG)(DC)(DC)(DA)(DC)(DC)(DA)(DC)(DG)
;
I
2 'polydeoxyribonucleotide'
;(DC)(DG)(DT)(DG)(DG)(DT)(DG)(DG)(DC)(DC)(DG)(DT)(DT)(DT)(DT)(DC)(DG)(DT)(DT)(DG)
(DT)(DT)(DT)(DT)(DT)(DT)(DT)(DC)(DT)(DG)(DT)(DC)(DT)(DC)(DG)(DT)(DG)(DC)(DC)(DT)
(DG)(DG)(DT)(DG)(DT)(DC)(DT)(DT)(DG)(DG)(DG)(DT)(DG)(DT)(DA)(DA)(DT)(DC)(DC)(DC)
(DC)(DT)(DT)(DG)(DG)(DC)(DG)(DG)(DT)(DT)(DA)(DA)(DA)(DA)(DC)(DG)(DC)(DG)(DG)(DG)
(DG)(DG)(DA)(DC)(DA)(DG)(DC)(DG)(DC)(DG)(DT)(DA)(DC)(DG)(DT)(DG)(DC)(DG)(DT)(DT)
(DT)(DA)(DA)(DG)(DC)(DG)(DG)(DT)(DG)(DC)(DT)(DA)(DG)(DA)(DG)(DC)(DT)(DG)(DT)(DC)
(DT)(DA)(DC)(DG)(DA)(DC)(DC)(DA)(DA)(DT)(DT)(DG)(DA)(DG)(DC)(DG)(DG)(DC)(DC)(DT)
(DC)(DG)(DG)(DC)(DA)(DC)(DC)(DG)(DG)(DG)(DA)(DT)(DT)(DC)(DT)(DG)(DA)(DT)
;
J
3 'polypeptide(L)'
;GSHMAMQMQLEANADTSVEEESFGPQPISRLEQCGINANDVKKLEEAGFHTVEAVAYAPKKELINIKGISEAKADKILAE
AAKLVPMGFTTATEFHQRRSEIIQITTGSKELDKLLQGGIETGSITEMFGEFRTGKTQICHTLAVTCQLPIDRGGGEGKA
MYIDTEGTFRPERLLAVAERYGLSGSDVLDNVAYARAFNTDHQTQLLYQASAMMVESRYALLIVDSATALYRTDYSGRGE
LSARQMHLARFLRMLLRLADEFGVAVVITNQVVAQVDGAAMFAADPKKPIGGNIIAHASTTRLYLRKGRGETRICKIYDS
PCLPEAEAMFAINADGVGDAKD
;
K,L,M
#
# COMPACT_ATOMS: atom_id res chain seq x y z
N GLN C 104 18.63 -8.09 4.37
CA GLN C 104 18.03 -6.77 4.51
C GLN C 104 18.21 -5.93 3.25
N ILE C 105 17.10 -5.64 2.57
CA ILE C 105 17.14 -4.86 1.34
C ILE C 105 17.26 -3.38 1.71
N THR C 106 18.31 -2.74 1.23
CA THR C 106 18.53 -1.33 1.51
C THR C 106 17.38 -0.48 0.98
N THR C 107 16.90 0.44 1.82
CA THR C 107 15.92 1.42 1.36
C THR C 107 16.56 2.48 0.49
N GLY C 108 17.88 2.59 0.53
CA GLY C 108 18.62 3.66 -0.11
C GLY C 108 18.59 4.99 0.59
N SER C 109 17.77 5.15 1.63
CA SER C 109 17.95 6.20 2.61
C SER C 109 18.71 5.63 3.81
N LYS C 110 19.88 6.19 4.10
CA LYS C 110 20.67 5.72 5.24
C LYS C 110 19.90 5.88 6.54
N GLU C 111 19.27 7.04 6.74
CA GLU C 111 18.48 7.26 7.96
C GLU C 111 17.35 6.24 8.07
N LEU C 112 16.71 5.92 6.94
CA LEU C 112 15.65 4.93 6.97
C LEU C 112 16.22 3.55 7.25
N ASP C 113 17.38 3.24 6.65
CA ASP C 113 18.05 1.97 6.94
C ASP C 113 18.36 1.83 8.42
N LYS C 114 18.86 2.90 9.04
CA LYS C 114 19.10 2.89 10.48
C LYS C 114 17.80 2.70 11.24
N LEU C 115 16.72 3.33 10.76
CA LEU C 115 15.42 3.17 11.41
C LEU C 115 14.99 1.71 11.39
N LEU C 116 15.24 1.02 10.27
CA LEU C 116 14.88 -0.38 10.09
C LEU C 116 15.96 -1.34 10.54
N GLN C 117 17.07 -0.83 11.10
CA GLN C 117 18.23 -1.65 11.47
C GLN C 117 18.93 -2.27 10.27
N GLY C 118 18.85 -1.63 9.10
CA GLY C 118 19.59 -2.09 7.95
C GLY C 118 18.76 -2.34 6.72
N GLY C 119 17.44 -2.39 6.86
CA GLY C 119 16.56 -2.55 5.73
C GLY C 119 15.49 -3.58 5.98
N ILE C 120 14.60 -3.73 5.00
CA ILE C 120 13.50 -4.67 5.07
C ILE C 120 14.01 -6.08 5.29
N GLU C 121 13.36 -6.80 6.20
CA GLU C 121 13.53 -8.25 6.28
C GLU C 121 12.81 -8.89 5.10
N THR C 122 13.57 -9.61 4.27
CA THR C 122 12.95 -10.47 3.27
C THR C 122 12.15 -11.58 3.94
N GLY C 123 11.14 -12.06 3.22
CA GLY C 123 10.26 -13.09 3.73
C GLY C 123 9.13 -12.60 4.61
N SER C 124 8.90 -11.28 4.69
CA SER C 124 7.85 -10.74 5.53
C SER C 124 7.24 -9.52 4.84
N ILE C 125 6.02 -9.19 5.26
CA ILE C 125 5.29 -8.05 4.70
C ILE C 125 5.57 -6.80 5.53
N THR C 126 5.96 -5.72 4.85
CA THR C 126 6.18 -4.43 5.49
C THR C 126 5.18 -3.44 4.91
N GLU C 127 4.32 -2.89 5.76
CA GLU C 127 3.28 -1.96 5.31
C GLU C 127 3.69 -0.52 5.62
N MET C 128 3.57 0.35 4.62
CA MET C 128 3.76 1.79 4.77
C MET C 128 2.45 2.51 4.47
N PHE C 129 1.81 2.98 5.53
CA PHE C 129 0.56 3.74 5.46
C PHE C 129 0.86 5.21 5.69
N GLY C 130 0.35 6.06 4.79
CA GLY C 130 0.56 7.48 4.87
C GLY C 130 -0.37 8.18 3.90
N GLU C 131 -0.40 9.51 4.02
CA GLU C 131 -1.22 10.31 3.14
C GLU C 131 -0.74 10.19 1.69
N PHE C 132 -1.59 10.63 0.77
CA PHE C 132 -1.16 10.71 -0.62
C PHE C 132 0.00 11.68 -0.76
N ARG C 133 0.85 11.43 -1.74
CA ARG C 133 2.01 12.27 -2.08
C ARG C 133 3.09 12.22 -1.00
N THR C 134 2.99 11.30 -0.04
CA THR C 134 4.05 11.16 0.96
C THR C 134 5.29 10.48 0.41
N GLY C 135 5.19 9.83 -0.74
CA GLY C 135 6.32 9.15 -1.33
C GLY C 135 6.30 7.64 -1.30
N LYS C 136 5.17 7.02 -0.95
CA LYS C 136 5.08 5.56 -1.00
C LYS C 136 5.52 5.02 -2.36
N THR C 137 4.94 5.57 -3.43
CA THR C 137 5.29 5.14 -4.78
C THR C 137 6.76 5.39 -5.09
N GLN C 138 7.29 6.54 -4.67
CA GLN C 138 8.70 6.83 -4.91
C GLN C 138 9.59 5.80 -4.22
N ILE C 139 9.28 5.48 -2.97
CA ILE C 139 10.04 4.44 -2.25
C ILE C 139 9.95 3.12 -2.99
N CYS C 140 8.76 2.78 -3.49
CA CYS C 140 8.60 1.55 -4.26
C CYS C 140 9.52 1.55 -5.49
N HIS C 141 9.50 2.63 -6.26
CA HIS C 141 10.37 2.72 -7.43
C HIS C 141 11.84 2.58 -7.05
N THR C 142 12.26 3.21 -5.95
CA THR C 142 13.65 3.08 -5.53
C THR C 142 13.99 1.64 -5.16
N LEU C 143 13.15 1.01 -4.33
CA LEU C 143 13.40 -0.38 -3.92
C LEU C 143 13.37 -1.33 -5.10
N ALA C 144 12.57 -1.01 -6.14
CA ALA C 144 12.48 -1.89 -7.29
C ALA C 144 13.82 -2.05 -7.97
N VAL C 145 14.73 -1.11 -7.77
CA VAL C 145 16.05 -1.16 -8.34
C VAL C 145 17.07 -1.61 -7.31
N THR C 146 16.97 -1.07 -6.09
CA THR C 146 17.93 -1.42 -5.05
C THR C 146 17.90 -2.91 -4.73
N CYS C 147 16.74 -3.56 -4.89
CA CYS C 147 16.68 -5.00 -4.66
C CYS C 147 17.69 -5.75 -5.52
N GLN C 148 17.93 -5.27 -6.75
CA GLN C 148 18.87 -5.91 -7.64
C GLN C 148 20.32 -5.67 -7.25
N LEU C 149 20.58 -4.74 -6.32
CA LEU C 149 21.93 -4.46 -5.87
C LEU C 149 22.54 -5.69 -5.21
N PRO C 150 23.87 -5.79 -5.18
CA PRO C 150 24.52 -6.87 -4.44
C PRO C 150 24.13 -6.83 -2.96
N ILE C 151 24.15 -8.02 -2.35
CA ILE C 151 23.79 -8.13 -0.94
C ILE C 151 24.75 -7.30 -0.08
N ASP C 152 26.02 -7.24 -0.47
CA ASP C 152 26.98 -6.42 0.27
C ASP C 152 26.66 -4.93 0.15
N ARG C 153 25.88 -4.55 -0.87
CA ARG C 153 25.46 -3.17 -1.04
C ARG C 153 24.06 -2.92 -0.50
N GLY C 154 23.49 -3.90 0.20
CA GLY C 154 22.15 -3.74 0.75
C GLY C 154 21.04 -4.24 -0.13
N GLY C 155 21.35 -4.91 -1.23
CA GLY C 155 20.33 -5.48 -2.09
C GLY C 155 20.03 -6.92 -1.77
N GLY C 156 19.19 -7.52 -2.62
CA GLY C 156 18.86 -8.92 -2.51
C GLY C 156 19.36 -9.77 -3.65
N GLU C 157 19.98 -9.12 -4.64
CA GLU C 157 20.47 -9.79 -5.85
C GLU C 157 19.34 -10.58 -6.50
N GLY C 158 18.19 -9.93 -6.63
CA GLY C 158 17.03 -10.56 -7.23
C GLY C 158 16.23 -9.55 -8.04
N LYS C 159 15.39 -10.10 -8.91
CA LYS C 159 14.54 -9.30 -9.76
C LYS C 159 13.39 -8.70 -8.97
N ALA C 160 12.72 -7.71 -9.54
CA ALA C 160 11.64 -6.99 -8.88
C ALA C 160 10.31 -7.24 -9.58
N MET C 161 9.23 -7.13 -8.79
CA MET C 161 7.87 -7.30 -9.27
C MET C 161 7.01 -6.12 -8.85
N TYR C 162 6.48 -5.41 -9.83
CA TYR C 162 5.66 -4.23 -9.60
C TYR C 162 4.27 -4.51 -10.11
N ILE C 163 3.30 -4.58 -9.20
CA ILE C 163 1.89 -4.72 -9.53
C ILE C 163 1.28 -3.35 -9.27
N ASP C 164 0.87 -2.67 -10.34
CA ASP C 164 0.35 -1.31 -10.22
C ASP C 164 -1.16 -1.28 -10.38
N THR C 165 -1.82 -0.47 -9.56
CA THR C 165 -3.25 -0.27 -9.62
C THR C 165 -3.63 1.18 -9.83
N GLU C 166 -2.64 2.08 -9.94
CA GLU C 166 -2.87 3.51 -9.87
C GLU C 166 -2.23 4.27 -11.02
N GLY C 167 -1.55 3.59 -11.94
CA GLY C 167 -0.97 4.20 -13.11
C GLY C 167 0.36 4.91 -12.90
N THR C 168 0.85 4.95 -11.68
CA THR C 168 2.03 5.74 -11.31
C THR C 168 3.35 5.05 -11.62
N PHE C 169 3.34 3.96 -12.39
CA PHE C 169 4.58 3.25 -12.69
C PHE C 169 5.39 4.02 -13.71
N ARG C 170 6.64 4.28 -13.38
CA ARG C 170 7.55 5.05 -14.23
C ARG C 170 8.85 4.31 -14.41
N PRO C 171 9.11 3.73 -15.58
CA PRO C 171 10.40 3.07 -15.81
C PRO C 171 11.54 4.05 -15.72
N GLU C 172 11.29 5.33 -16.03
CA GLU C 172 12.32 6.35 -15.96
C GLU C 172 12.79 6.58 -14.54
N ARG C 173 11.88 6.47 -13.56
CA ARG C 173 12.30 6.52 -12.17
C ARG C 173 13.22 5.36 -11.83
N LEU C 174 12.91 4.17 -12.36
CA LEU C 174 13.78 3.02 -12.17
C LEU C 174 15.14 3.26 -12.80
N LEU C 175 15.16 3.91 -13.96
CA LEU C 175 16.43 4.21 -14.61
C LEU C 175 17.24 5.19 -13.78
N ALA C 176 16.57 6.19 -13.18
CA ALA C 176 17.24 7.14 -12.31
C ALA C 176 17.83 6.46 -11.09
N VAL C 177 17.08 5.56 -10.47
CA VAL C 177 17.62 4.85 -9.32
C VAL C 177 18.79 3.96 -9.72
N ALA C 178 18.69 3.30 -10.88
CA ALA C 178 19.77 2.46 -11.34
C ALA C 178 21.05 3.26 -11.60
N GLU C 179 20.92 4.42 -12.26
CA GLU C 179 22.10 5.25 -12.49
C GLU C 179 22.65 5.86 -11.22
N ARG C 180 21.79 6.14 -10.22
CA ARG C 180 22.29 6.64 -8.96
C ARG C 180 23.28 5.66 -8.32
N TYR C 181 22.85 4.40 -8.19
CA TYR C 181 23.67 3.33 -7.62
C TYR C 181 24.55 2.66 -8.66
N GLY C 182 24.57 3.16 -9.89
CA GLY C 182 25.39 2.58 -10.93
C GLY C 182 24.94 1.23 -11.43
N LEU C 183 23.63 1.02 -11.57
CA LEU C 183 23.09 -0.19 -12.14
C LEU C 183 22.63 0.08 -13.56
N SER C 184 22.71 -0.93 -14.41
CA SER C 184 22.28 -0.79 -15.79
C SER C 184 20.77 -0.57 -15.83
N GLY C 185 20.36 0.59 -16.34
CA GLY C 185 18.93 0.88 -16.39
C GLY C 185 18.19 -0.10 -17.26
N SER C 186 18.80 -0.52 -18.37
CA SER C 186 18.16 -1.48 -19.25
C SER C 186 18.02 -2.82 -18.53
N ASP C 187 19.05 -3.24 -17.79
CA ASP C 187 18.97 -4.50 -17.08
C ASP C 187 17.98 -4.39 -15.91
N VAL C 188 17.87 -3.21 -15.32
CA VAL C 188 16.88 -3.00 -14.26
C VAL C 188 15.48 -3.20 -14.82
N LEU C 189 15.19 -2.58 -15.97
CA LEU C 189 13.88 -2.76 -16.56
C LEU C 189 13.68 -4.20 -17.03
N ASP C 190 14.77 -4.89 -17.37
CA ASP C 190 14.69 -6.29 -17.76
C ASP C 190 14.47 -7.20 -16.57
N ASN C 191 14.77 -6.72 -15.36
CA ASN C 191 14.62 -7.50 -14.13
C ASN C 191 13.42 -7.04 -13.33
N VAL C 192 12.55 -6.23 -13.93
CA VAL C 192 11.31 -5.78 -13.31
C VAL C 192 10.17 -6.16 -14.24
N ALA C 193 9.29 -7.03 -13.76
CA ALA C 193 8.11 -7.42 -14.52
C ALA C 193 6.95 -6.60 -13.99
N TYR C 194 6.20 -6.01 -14.90
CA TYR C 194 5.17 -5.04 -14.54
C TYR C 194 3.82 -5.44 -15.12
N ALA C 195 2.77 -5.17 -14.34
CA ALA C 195 1.42 -5.45 -14.77
C ALA C 195 0.45 -4.61 -13.95
N ARG C 196 -0.54 -4.04 -14.63
CA ARG C 196 -1.52 -3.16 -13.99
C ARG C 196 -2.77 -3.97 -13.70
N ALA C 197 -3.18 -3.98 -12.45
CA ALA C 197 -4.40 -4.68 -12.05
C ALA C 197 -5.62 -3.80 -12.26
N PHE C 198 -6.61 -4.32 -12.98
CA PHE C 198 -7.79 -3.53 -13.29
C PHE C 198 -8.86 -3.60 -12.21
N ASN C 199 -8.82 -4.63 -11.36
CA ASN C 199 -9.81 -4.78 -10.31
C ASN C 199 -9.22 -5.64 -9.20
N THR C 200 -9.99 -5.84 -8.14
CA THR C 200 -9.51 -6.65 -7.03
C THR C 200 -9.36 -8.10 -7.45
N ASP C 201 -10.33 -8.61 -8.21
CA ASP C 201 -10.24 -9.97 -8.70
C ASP C 201 -9.04 -10.13 -9.63
N HIS C 202 -8.81 -9.15 -10.51
CA HIS C 202 -7.63 -9.19 -11.36
C HIS C 202 -6.34 -9.02 -10.54
N GLN C 203 -6.41 -8.21 -9.49
CA GLN C 203 -5.24 -8.01 -8.63
C GLN C 203 -4.84 -9.33 -7.97
N THR C 204 -5.82 -10.09 -7.50
CA THR C 204 -5.50 -11.39 -6.90
C THR C 204 -5.12 -12.40 -7.98
N GLN C 205 -5.76 -12.33 -9.15
CA GLN C 205 -5.48 -13.29 -10.21
C GLN C 205 -4.05 -13.15 -10.70
N LEU C 206 -3.49 -11.94 -10.66
CA LEU C 206 -2.11 -11.77 -11.09
C LEU C 206 -1.15 -12.54 -10.19
N LEU C 207 -1.56 -12.82 -8.95
CA LEU C 207 -0.71 -13.57 -8.03
C LEU C 207 -0.54 -14.99 -8.51
N TYR C 208 -1.54 -15.53 -9.21
CA TYR C 208 -1.42 -16.86 -9.77
C TYR C 208 -0.31 -16.94 -10.81
N GLN C 209 -0.22 -15.94 -11.69
CA GLN C 209 0.92 -15.92 -12.61
C GLN C 209 2.22 -15.61 -11.89
N ALA C 210 2.14 -14.81 -10.82
CA ALA C 210 3.33 -14.42 -10.08
C ALA C 210 3.97 -15.61 -9.37
N SER C 211 3.14 -16.49 -8.79
CA SER C 211 3.68 -17.63 -8.04
C SER C 211 4.43 -18.58 -8.97
N ALA C 212 3.88 -18.86 -10.14
CA ALA C 212 4.56 -19.77 -11.07
C ALA C 212 5.77 -19.11 -11.70
N MET C 213 5.70 -17.81 -11.98
CA MET C 213 6.81 -17.11 -12.62
C MET C 213 7.97 -16.90 -11.65
N MET C 214 7.68 -16.70 -10.36
CA MET C 214 8.68 -16.49 -9.33
C MET C 214 9.46 -17.76 -8.99
N VAL C 215 9.06 -18.91 -9.55
CA VAL C 215 9.77 -20.15 -9.30
C VAL C 215 10.98 -20.28 -10.23
N GLU C 216 10.83 -19.84 -11.48
CA GLU C 216 11.91 -19.97 -12.46
C GLU C 216 13.04 -18.98 -12.24
N SER C 217 12.75 -17.79 -11.73
CA SER C 217 13.80 -16.80 -11.50
C SER C 217 13.75 -16.33 -10.06
N ARG C 218 14.92 -15.93 -9.56
CA ARG C 218 15.03 -15.40 -8.20
C ARG C 218 14.52 -13.97 -8.17
N TYR C 219 13.52 -13.73 -7.36
CA TYR C 219 13.05 -12.40 -7.05
C TYR C 219 13.29 -12.10 -5.58
N ALA C 220 13.28 -10.81 -5.27
CA ALA C 220 13.55 -10.32 -3.93
C ALA C 220 12.51 -9.31 -3.46
N LEU C 221 11.68 -8.78 -4.35
CA LEU C 221 10.74 -7.73 -4.01
C LEU C 221 9.47 -7.85 -4.81
N LEU C 222 8.33 -7.74 -4.12
CA LEU C 222 7.01 -7.72 -4.73
C LEU C 222 6.35 -6.42 -4.31
N ILE C 223 5.96 -5.60 -5.28
CA ILE C 223 5.38 -4.29 -5.03
C ILE C 223 3.93 -4.26 -5.48
N VAL C 224 3.05 -3.84 -4.59
CA VAL C 224 1.63 -3.66 -4.89
C VAL C 224 1.25 -2.23 -4.51
N ASP C 225 1.05 -1.38 -5.50
CA ASP C 225 0.93 0.06 -5.29
C ASP C 225 -0.54 0.49 -5.39
N SER C 226 -1.00 1.24 -4.37
CA SER C 226 -2.43 1.47 -4.14
C SER C 226 -3.17 0.14 -3.95
N ALA C 227 -2.58 -0.74 -3.14
CA ALA C 227 -3.14 -2.06 -2.89
C ALA C 227 -4.58 -1.99 -2.36
N THR C 228 -4.90 -0.98 -1.56
CA THR C 228 -6.25 -0.85 -1.02
C THR C 228 -7.18 -0.02 -1.88
N ALA C 229 -6.68 0.64 -2.92
CA ALA C 229 -7.54 1.52 -3.71
C ALA C 229 -8.60 0.74 -4.46
N LEU C 230 -8.24 -0.42 -5.03
CA LEU C 230 -9.21 -1.19 -5.79
C LEU C 230 -10.31 -1.78 -4.93
N TYR C 231 -10.05 -1.99 -3.63
CA TYR C 231 -11.11 -2.48 -2.77
C TYR C 231 -12.10 -1.38 -2.42
N ARG C 232 -11.73 -0.12 -2.67
CA ARG C 232 -12.59 1.02 -2.47
C ARG C 232 -13.32 1.43 -3.74
N THR C 233 -12.64 1.33 -4.90
CA THR C 233 -13.27 1.71 -6.16
C THR C 233 -14.22 0.62 -6.65
N ASP C 234 -13.80 -0.64 -6.54
CA ASP C 234 -14.64 -1.76 -6.96
C ASP C 234 -15.79 -1.96 -5.99
N TYR C 235 -15.47 -2.25 -4.72
CA TYR C 235 -16.46 -2.46 -3.68
C TYR C 235 -16.73 -1.11 -3.01
N SER C 236 -17.75 -0.42 -3.51
CA SER C 236 -18.11 0.90 -3.00
C SER C 236 -19.34 0.87 -2.12
N GLY C 237 -20.14 -0.19 -2.19
CA GLY C 237 -21.33 -0.29 -1.38
C GLY C 237 -21.00 -0.65 0.06
N ARG C 238 -22.04 -0.65 0.89
CA ARG C 238 -21.88 -0.96 2.31
C ARG C 238 -22.19 -2.42 2.62
N GLY C 239 -23.14 -3.02 1.91
CA GLY C 239 -23.41 -4.43 2.08
C GLY C 239 -22.32 -5.33 1.53
N GLU C 240 -21.51 -4.81 0.62
CA GLU C 240 -20.41 -5.56 0.01
C GLU C 240 -19.09 -5.38 0.74
N LEU C 241 -19.11 -4.80 1.95
CA LEU C 241 -17.85 -4.57 2.67
C LEU C 241 -17.20 -5.88 3.08
N SER C 242 -18.00 -6.83 3.57
CA SER C 242 -17.44 -8.12 3.98
C SER C 242 -16.80 -8.84 2.81
N ALA C 243 -17.30 -8.62 1.58
CA ALA C 243 -16.74 -9.31 0.43
C ALA C 243 -15.34 -8.79 0.11
N ARG C 244 -15.17 -7.47 0.11
CA ARG C 244 -13.84 -6.91 -0.11
C ARG C 244 -12.90 -7.23 1.03
N GLN C 245 -13.42 -7.30 2.26
CA GLN C 245 -12.58 -7.68 3.39
C GLN C 245 -12.11 -9.12 3.26
N MET C 246 -13.00 -10.02 2.84
CA MET C 246 -12.60 -11.41 2.60
C MET C 246 -11.57 -11.51 1.47
N HIS C 247 -11.80 -10.78 0.37
CA HIS C 247 -10.86 -10.82 -0.74
C HIS C 247 -9.51 -10.28 -0.31
N LEU C 248 -9.50 -9.19 0.46
CA LEU C 248 -8.24 -8.65 0.98
C LEU C 248 -7.56 -9.64 1.90
N ALA C 249 -8.32 -10.28 2.78
CA ALA C 249 -7.76 -11.27 3.69
C ALA C 249 -7.08 -12.40 2.91
N ARG C 250 -7.77 -12.93 1.90
CA ARG C 250 -7.17 -13.97 1.06
C ARG C 250 -5.94 -13.47 0.34
N PHE C 251 -6.00 -12.23 -0.14
CA PHE C 251 -4.86 -11.64 -0.84
C PHE C 251 -3.65 -11.55 0.10
N LEU C 252 -3.88 -11.10 1.34
CA LEU C 252 -2.81 -10.99 2.32
C LEU C 252 -2.24 -12.36 2.66
N ARG C 253 -3.11 -13.36 2.81
CA ARG C 253 -2.62 -14.71 3.08
C ARG C 253 -1.77 -15.21 1.92
N MET C 254 -2.18 -14.91 0.68
CA MET C 254 -1.38 -15.27 -0.48
C MET C 254 -0.03 -14.57 -0.46
N LEU C 255 -0.01 -13.30 -0.04
CA LEU C 255 1.24 -12.56 0.09
C LEU C 255 2.16 -13.25 1.10
N LEU C 256 1.63 -13.60 2.27
CA LEU C 256 2.43 -14.29 3.27
C LEU C 256 2.95 -15.62 2.75
N ARG C 257 2.10 -16.36 2.04
CA ARG C 257 2.51 -17.64 1.46
C ARG C 257 3.65 -17.47 0.48
N LEU C 258 3.54 -16.48 -0.42
CA LEU C 258 4.60 -16.24 -1.38
C LEU C 258 5.89 -15.78 -0.70
N ALA C 259 5.74 -14.97 0.36
CA ALA C 259 6.89 -14.50 1.12
C ALA C 259 7.63 -15.66 1.75
N ASP C 260 6.89 -16.59 2.37
CA ASP C 260 7.53 -17.74 2.99
C ASP C 260 8.07 -18.70 1.94
N GLU C 261 7.49 -18.69 0.74
CA GLU C 261 7.89 -19.64 -0.29
C GLU C 261 9.18 -19.20 -0.98
N PHE C 262 9.25 -17.92 -1.36
CA PHE C 262 10.38 -17.42 -2.12
C PHE C 262 11.34 -16.57 -1.29
N GLY C 263 11.01 -16.29 -0.02
CA GLY C 263 11.90 -15.49 0.80
C GLY C 263 12.07 -14.08 0.27
N VAL C 264 11.03 -13.53 -0.34
CA VAL C 264 11.06 -12.20 -0.91
C VAL C 264 10.36 -11.22 0.02
N ALA C 265 10.66 -9.93 -0.19
CA ALA C 265 10.05 -8.84 0.56
C ALA C 265 8.72 -8.49 -0.08
N VAL C 266 7.69 -8.30 0.74
CA VAL C 266 6.36 -7.96 0.26
C VAL C 266 6.02 -6.55 0.69
N VAL C 267 5.85 -5.67 -0.29
CA VAL C 267 5.57 -4.25 -0.09
C VAL C 267 4.22 -3.93 -0.69
N ILE C 268 3.32 -3.40 0.13
CA ILE C 268 1.99 -2.98 -0.31
C ILE C 268 1.79 -1.55 0.16
N THR C 269 1.11 -0.74 -0.64
CA THR C 269 0.89 0.66 -0.30
C THR C 269 -0.58 0.94 -0.05
N ASN C 270 -0.84 1.76 0.98
CA ASN C 270 -2.19 2.07 1.43
C ASN C 270 -2.36 3.57 1.53
N GLN C 271 -3.42 4.08 0.91
CA GLN C 271 -3.75 5.49 0.99
C GLN C 271 -4.68 5.69 2.17
N VAL C 272 -4.35 6.68 3.02
CA VAL C 272 -5.16 7.00 4.18
C VAL C 272 -5.75 8.39 3.93
N VAL C 273 -6.99 8.43 3.47
CA VAL C 273 -7.67 9.69 3.18
C VAL C 273 -8.05 10.38 4.48
N GLY C 292 -7.05 -1.49 6.82
CA GLY C 292 -7.84 -2.42 7.61
C GLY C 292 -7.11 -2.95 8.83
N ASN C 293 -7.86 -3.24 9.89
CA ASN C 293 -7.27 -3.78 11.11
C ASN C 293 -6.74 -5.20 10.91
N ILE C 294 -7.17 -5.88 9.85
CA ILE C 294 -6.70 -7.22 9.55
C ILE C 294 -5.21 -7.23 9.22
N ILE C 295 -4.71 -6.18 8.58
CA ILE C 295 -3.31 -6.19 8.17
C ILE C 295 -2.35 -6.12 9.36
N ALA C 296 -2.80 -5.56 10.49
CA ALA C 296 -1.90 -5.36 11.62
C ALA C 296 -1.20 -6.64 12.06
N HIS C 297 -1.97 -7.70 12.35
CA HIS C 297 -1.32 -8.96 12.74
C HIS C 297 -0.50 -9.56 11.61
N ALA C 298 -0.87 -9.28 10.36
CA ALA C 298 -0.23 -9.92 9.22
C ALA C 298 1.03 -9.15 8.83
N SER C 299 0.96 -7.83 8.83
CA SER C 299 2.11 -7.00 8.51
C SER C 299 3.03 -7.00 9.73
N THR C 300 4.33 -7.11 9.48
CA THR C 300 5.29 -7.14 10.57
C THR C 300 5.76 -5.75 10.98
N THR C 301 5.85 -4.81 10.05
CA THR C 301 6.35 -3.48 10.36
C THR C 301 5.46 -2.45 9.70
N ARG C 302 4.87 -1.57 10.52
CA ARG C 302 3.97 -0.54 10.02
C ARG C 302 4.72 0.80 10.11
N LEU C 303 4.81 1.47 8.97
CA LEU C 303 5.47 2.77 8.84
C LEU C 303 4.45 3.81 8.44
N TYR C 304 4.41 4.90 9.19
CA TYR C 304 3.53 6.02 8.93
C TYR C 304 4.34 7.08 8.21
N LEU C 305 3.86 7.52 7.06
CA LEU C 305 4.55 8.52 6.27
C LEU C 305 3.73 9.79 6.25
N ARG C 306 4.39 10.92 6.50
CA ARG C 306 3.73 12.22 6.44
C ARG C 306 4.64 13.24 5.76
N LYS C 307 4.01 14.23 5.14
CA LYS C 307 4.74 15.20 4.35
C LYS C 307 5.39 16.25 5.25
N GLY C 308 6.66 16.50 5.03
CA GLY C 308 7.29 17.75 5.39
C GLY C 308 7.36 18.62 4.14
N ARG C 309 7.17 19.93 4.33
CA ARG C 309 6.94 20.78 3.18
C ARG C 309 8.20 20.88 2.32
N GLY C 310 7.99 21.22 1.06
CA GLY C 310 8.92 20.87 0.00
C GLY C 310 8.81 19.40 -0.36
N GLU C 311 9.94 18.74 -0.62
CA GLU C 311 9.96 17.35 -1.05
C GLU C 311 10.51 16.41 0.02
N THR C 312 10.58 16.87 1.26
CA THR C 312 11.22 16.11 2.33
C THR C 312 10.14 15.52 3.23
N ARG C 313 10.20 14.21 3.46
CA ARG C 313 9.15 13.45 4.13
C ARG C 313 9.61 12.89 5.48
N ILE C 314 8.67 12.84 6.43
CA ILE C 314 8.90 12.30 7.76
C ILE C 314 8.35 10.87 7.80
N CYS C 315 9.17 9.94 8.30
CA CYS C 315 8.79 8.54 8.46
C CYS C 315 8.78 8.23 9.95
N LYS C 316 7.77 7.49 10.37
CA LYS C 316 7.59 7.07 11.76
C LYS C 316 7.27 5.59 11.81
N ILE C 317 7.77 4.90 12.81
CA ILE C 317 7.43 3.50 13.04
C ILE C 317 6.29 3.47 14.05
N TYR C 318 5.17 2.84 13.68
CA TYR C 318 4.00 2.90 14.54
C TYR C 318 3.66 1.57 15.19
N ASP C 319 4.22 0.47 14.69
CA ASP C 319 4.32 -0.75 15.47
C ASP C 319 5.50 -1.55 14.93
N SER C 320 6.34 -2.06 15.83
CA SER C 320 7.19 -3.17 15.53
C SER C 320 7.54 -3.90 16.81
N PRO C 321 7.32 -5.21 16.88
CA PRO C 321 7.81 -5.99 18.03
C PRO C 321 9.31 -5.88 18.25
N CYS C 322 10.10 -5.70 17.20
CA CYS C 322 11.54 -5.50 17.32
C CYS C 322 11.98 -4.06 17.13
N LEU C 323 11.34 -3.31 16.22
CA LEU C 323 11.86 -1.97 16.04
C LEU C 323 11.17 -0.98 16.98
N PRO C 324 11.93 -0.04 17.54
CA PRO C 324 11.33 1.01 18.35
C PRO C 324 10.31 1.82 17.56
N GLU C 325 9.32 2.36 18.28
CA GLU C 325 8.62 3.53 17.77
C GLU C 325 9.58 4.71 17.70
N ALA C 326 9.81 5.21 16.49
CA ALA C 326 10.86 6.19 16.23
C ALA C 326 10.55 6.85 14.89
N GLU C 327 11.28 7.93 14.63
CA GLU C 327 11.09 8.70 13.40
C GLU C 327 12.43 8.98 12.74
N ALA C 328 12.39 9.14 11.42
CA ALA C 328 13.55 9.44 10.61
C ALA C 328 13.11 10.34 9.46
N MET C 329 13.97 11.28 9.11
CA MET C 329 13.65 12.26 8.07
C MET C 329 14.38 11.83 6.80
N PHE C 330 13.68 11.90 5.66
CA PHE C 330 14.30 11.55 4.39
C PHE C 330 13.73 12.46 3.32
N ALA C 331 14.30 12.43 2.14
CA ALA C 331 13.86 13.27 1.03
C ALA C 331 13.62 12.42 -0.21
N ILE C 332 12.89 13.02 -1.14
CA ILE C 332 12.59 12.43 -2.44
C ILE C 332 13.32 13.24 -3.50
N ASN C 333 14.38 12.66 -4.05
CA ASN C 333 15.30 13.31 -4.96
C ASN C 333 15.14 12.68 -6.33
N ALA C 334 15.47 13.43 -7.37
CA ALA C 334 15.30 12.94 -8.74
C ALA C 334 15.94 11.57 -8.93
N ASP C 335 17.17 11.39 -8.47
CA ASP C 335 17.82 10.09 -8.56
C ASP C 335 17.16 9.02 -7.69
N GLY C 336 16.59 9.38 -6.55
CA GLY C 336 16.50 8.43 -5.46
C GLY C 336 15.47 8.78 -4.41
N VAL C 337 15.13 7.78 -3.62
CA VAL C 337 14.63 8.01 -2.27
C VAL C 337 15.83 7.97 -1.34
N GLY C 338 16.12 9.08 -0.69
CA GLY C 338 17.48 9.38 -0.29
C GLY C 338 17.45 10.28 0.92
N ASP C 339 18.54 10.30 1.68
CA ASP C 339 18.52 10.92 2.98
C ASP C 339 18.28 12.43 2.86
N ALA C 340 17.68 13.00 3.90
CA ALA C 340 17.47 14.44 3.93
C ALA C 340 18.80 15.15 4.06
N LYS C 341 18.99 16.19 3.24
CA LYS C 341 20.25 16.94 3.20
C LYS C 341 19.89 18.43 3.27
N ASP C 342 19.66 18.90 4.49
CA ASP C 342 19.31 20.29 4.75
C ASP C 342 20.27 21.29 4.10
N GLN D 104 9.70 25.22 -22.99
CA GLN D 104 8.76 25.92 -22.11
C GLN D 104 7.89 26.91 -22.87
N ILE D 105 6.60 26.62 -22.95
CA ILE D 105 5.66 27.48 -23.66
C ILE D 105 5.33 28.67 -22.78
N THR D 106 5.59 29.87 -23.29
CA THR D 106 5.31 31.10 -22.54
C THR D 106 3.83 31.21 -22.22
N THR D 107 3.51 31.54 -20.97
CA THR D 107 2.15 31.85 -20.60
C THR D 107 1.71 33.22 -21.12
N GLY D 108 2.67 34.05 -21.50
CA GLY D 108 2.45 35.43 -21.87
C GLY D 108 2.23 36.37 -20.71
N SER D 109 2.10 35.87 -19.49
CA SER D 109 2.31 36.66 -18.29
C SER D 109 3.73 36.44 -17.79
N LYS D 110 4.52 37.51 -17.73
CA LYS D 110 5.89 37.39 -17.25
C LYS D 110 5.93 36.88 -15.81
N GLU D 111 5.09 37.43 -14.94
CA GLU D 111 5.05 36.97 -13.55
C GLU D 111 4.68 35.49 -13.48
N LEU D 112 3.76 35.05 -14.33
CA LEU D 112 3.40 33.64 -14.34
C LEU D 112 4.54 32.79 -14.89
N ASP D 113 5.22 33.30 -15.92
CA ASP D 113 6.40 32.61 -16.45
C ASP D 113 7.46 32.43 -15.38
N LYS D 114 7.71 33.48 -14.59
CA LYS D 114 8.64 33.37 -13.48
C LYS D 114 8.15 32.35 -12.46
N LEU D 115 6.84 32.33 -12.21
CA LEU D 115 6.28 31.37 -11.28
C LEU D 115 6.55 29.95 -11.75
N LEU D 116 6.44 29.71 -13.06
CA LEU D 116 6.66 28.41 -13.66
C LEU D 116 8.11 28.17 -14.08
N GLN D 117 9.01 29.11 -13.79
CA GLN D 117 10.41 29.06 -14.21
C GLN D 117 10.56 29.14 -15.73
N GLY D 118 9.62 29.79 -16.41
CA GLY D 118 9.78 30.03 -17.83
C GLY D 118 8.61 29.57 -18.68
N GLY D 119 7.73 28.76 -18.12
CA GLY D 119 6.55 28.31 -18.81
C GLY D 119 6.32 26.82 -18.66
N ILE D 120 5.19 26.37 -19.22
CA ILE D 120 4.81 24.97 -19.16
C ILE D 120 5.90 24.08 -19.74
N GLU D 121 6.19 22.98 -19.06
CA GLU D 121 6.96 21.90 -19.64
C GLU D 121 6.08 21.15 -20.65
N THR D 122 6.51 21.14 -21.91
CA THR D 122 5.89 20.26 -22.89
C THR D 122 6.10 18.80 -22.50
N GLY D 123 5.17 17.95 -22.94
CA GLY D 123 5.21 16.55 -22.64
C GLY D 123 4.63 16.16 -21.30
N SER D 124 3.95 17.08 -20.60
CA SER D 124 3.38 16.79 -19.30
C SER D 124 2.06 17.53 -19.16
N ILE D 125 1.22 17.05 -18.24
CA ILE D 125 -0.08 17.64 -17.97
C ILE D 125 0.04 18.68 -16.86
N THR D 126 -0.48 19.87 -17.11
CA THR D 126 -0.53 20.95 -16.12
C THR D 126 -1.98 21.28 -15.84
N GLU D 127 -2.41 21.10 -14.60
CA GLU D 127 -3.80 21.33 -14.22
C GLU D 127 -3.94 22.68 -13.51
N MET D 128 -4.92 23.48 -13.94
CA MET D 128 -5.28 24.73 -13.28
C MET D 128 -6.72 24.61 -12.77
N PHE D 129 -6.85 24.45 -11.46
CA PHE D 129 -8.12 24.38 -10.77
C PHE D 129 -8.40 25.70 -10.07
N GLY D 130 -9.60 26.23 -10.29
CA GLY D 130 -10.00 27.49 -9.70
C GLY D 130 -11.49 27.69 -9.89
N GLU D 131 -12.00 28.73 -9.24
CA GLU D 131 -13.41 29.07 -9.35
C GLU D 131 -13.75 29.46 -10.79
N PHE D 132 -15.04 29.50 -11.08
CA PHE D 132 -15.49 30.01 -12.36
C PHE D 132 -15.11 31.48 -12.48
N ARG D 133 -14.87 31.92 -13.72
CA ARG D 133 -14.54 33.30 -14.05
C ARG D 133 -13.15 33.71 -13.56
N THR D 134 -12.34 32.75 -13.10
CA THR D 134 -10.97 33.07 -12.68
C THR D 134 -10.06 33.31 -13.87
N GLY D 135 -10.45 32.92 -15.08
CA GLY D 135 -9.63 33.10 -16.25
C GLY D 135 -9.01 31.87 -16.85
N LYS D 136 -9.40 30.67 -16.42
CA LYS D 136 -8.90 29.45 -17.02
C LYS D 136 -9.05 29.48 -18.54
N THR D 137 -10.27 29.77 -19.01
CA THR D 137 -10.53 29.84 -20.44
C THR D 137 -9.71 30.92 -21.11
N GLN D 138 -9.57 32.08 -20.47
CA GLN D 138 -8.76 33.15 -21.05
C GLN D 138 -7.31 32.72 -21.22
N ILE D 139 -6.75 32.07 -20.20
CA ILE D 139 -5.39 31.55 -20.29
C ILE D 139 -5.28 30.55 -21.43
N CYS D 140 -6.29 29.69 -21.57
CA CYS D 140 -6.29 28.74 -22.67
C CYS D 140 -6.25 29.44 -24.02
N HIS D 141 -7.12 30.44 -24.22
CA HIS D 141 -7.11 31.19 -25.47
C HIS D 141 -5.76 31.84 -25.73
N THR D 142 -5.14 32.42 -24.69
CA THR D 142 -3.83 33.02 -24.88
C THR D 142 -2.79 31.99 -25.29
N LEU D 143 -2.72 30.88 -24.56
CA LEU D 143 -1.74 29.83 -24.87
C LEU D 143 -1.98 29.24 -26.25
N ALA D 144 -3.24 29.21 -26.71
CA ALA D 144 -3.56 28.63 -28.01
C ALA D 144 -2.84 29.37 -29.12
N VAL D 145 -2.46 30.61 -28.88
CA VAL D 145 -1.74 31.42 -29.85
C VAL D 145 -0.25 31.46 -29.53
N THR D 146 0.08 31.64 -28.25
CA THR D 146 1.48 31.73 -27.86
C THR D 146 2.24 30.46 -28.20
N CYS D 147 1.57 29.30 -28.20
CA CYS D 147 2.24 28.06 -28.58
C CYS D 147 2.86 28.18 -29.97
N GLN D 148 2.19 28.89 -30.87
CA GLN D 148 2.70 29.05 -32.23
C GLN D 148 3.88 30.01 -32.32
N LEU D 149 4.17 30.76 -31.24
CA LEU D 149 5.30 31.67 -31.24
C LEU D 149 6.62 30.91 -31.39
N PRO D 150 7.65 31.60 -31.89
CA PRO D 150 8.98 30.96 -31.95
C PRO D 150 9.44 30.54 -30.56
N ILE D 151 10.27 29.49 -30.54
CA ILE D 151 10.79 28.98 -29.27
C ILE D 151 11.59 30.04 -28.55
N ASP D 152 12.32 30.87 -29.30
CA ASP D 152 13.07 31.96 -28.69
C ASP D 152 12.15 33.00 -28.06
N ARG D 153 10.89 33.03 -28.47
CA ARG D 153 9.90 33.94 -27.89
C ARG D 153 9.05 33.26 -26.84
N GLY D 154 9.39 32.03 -26.46
CA GLY D 154 8.62 31.32 -25.46
C GLY D 154 7.53 30.42 -26.01
N GLY D 155 7.47 30.23 -27.32
CA GLY D 155 6.50 29.34 -27.92
C GLY D 155 7.05 27.94 -28.15
N GLY D 156 6.24 27.13 -28.81
CA GLY D 156 6.62 25.79 -29.17
C GLY D 156 6.75 25.57 -30.67
N GLU D 157 6.44 26.62 -31.45
CA GLU D 157 6.44 26.54 -32.91
C GLU D 157 5.60 25.36 -33.38
N GLY D 158 4.40 25.26 -32.82
CA GLY D 158 3.49 24.20 -33.17
C GLY D 158 2.06 24.68 -33.14
N LYS D 159 1.20 23.90 -33.79
CA LYS D 159 -0.22 24.21 -33.89
C LYS D 159 -0.90 23.91 -32.55
N ALA D 160 -2.11 24.42 -32.40
CA ALA D 160 -2.88 24.29 -31.17
C ALA D 160 -4.13 23.44 -31.38
N MET D 161 -4.56 22.80 -30.29
CA MET D 161 -5.75 21.96 -30.28
C MET D 161 -6.67 22.36 -29.13
N TYR D 162 -7.87 22.80 -29.46
CA TYR D 162 -8.85 23.26 -28.50
C TYR D 162 -10.04 22.31 -28.55
N ILE D 163 -10.26 21.57 -27.48
CA ILE D 163 -11.42 20.72 -27.32
C ILE D 163 -12.31 21.42 -26.31
N ASP D 164 -13.46 21.91 -26.78
CA ASP D 164 -14.35 22.70 -25.93
C ASP D 164 -15.57 21.89 -25.51
N THR D 165 -15.96 22.05 -24.26
CA THR D 165 -17.15 21.41 -23.73
C THR D 165 -18.15 22.41 -23.16
N GLU D 166 -17.84 23.70 -23.22
CA GLU D 166 -18.58 24.72 -22.49
C GLU D 166 -19.02 25.89 -23.36
N GLY D 167 -18.70 25.87 -24.66
CA GLY D 167 -19.13 26.89 -25.60
C GLY D 167 -18.34 28.17 -25.60
N THR D 168 -17.34 28.29 -24.73
CA THR D 168 -16.61 29.53 -24.51
C THR D 168 -15.50 29.78 -25.53
N PHE D 169 -15.45 29.01 -26.61
CA PHE D 169 -14.39 29.18 -27.59
C PHE D 169 -14.65 30.43 -28.42
N ARG D 170 -13.64 31.30 -28.48
CA ARG D 170 -13.73 32.57 -29.19
C ARG D 170 -12.55 32.74 -30.12
N PRO D 171 -12.74 32.60 -31.43
CA PRO D 171 -11.60 32.83 -32.35
C PRO D 171 -11.12 34.26 -32.27
N GLU D 172 -12.01 35.19 -31.91
CA GLU D 172 -11.62 36.59 -31.80
C GLU D 172 -10.62 36.82 -30.67
N ARG D 173 -10.76 36.06 -29.58
CA ARG D 173 -9.73 36.12 -28.53
C ARG D 173 -8.39 35.64 -29.06
N LEU D 174 -8.41 34.59 -29.89
CA LEU D 174 -7.17 34.12 -30.51
C LEU D 174 -6.59 35.19 -31.42
N LEU D 175 -7.45 35.92 -32.14
CA LEU D 175 -6.98 36.98 -33.01
C LEU D 175 -6.34 38.10 -32.19
N ALA D 176 -6.95 38.42 -31.04
CA ALA D 176 -6.39 39.44 -30.16
C ALA D 176 -5.03 39.02 -29.61
N VAL D 177 -4.89 37.76 -29.21
CA VAL D 177 -3.59 37.31 -28.72
C VAL D 177 -2.56 37.33 -29.85
N ALA D 178 -2.97 36.91 -31.05
CA ALA D 178 -2.05 36.93 -32.19
C ALA D 178 -1.57 38.34 -32.51
N GLU D 179 -2.49 39.31 -32.54
CA GLU D 179 -2.08 40.69 -32.81
C GLU D 179 -1.26 41.29 -31.68
N ARG D 180 -1.50 40.87 -30.43
CA ARG D 180 -0.67 41.35 -29.33
C ARG D 180 0.79 41.01 -29.56
N TYR D 181 1.08 39.73 -29.82
CA TYR D 181 2.42 39.24 -30.08
C TYR D 181 2.82 39.36 -31.54
N GLY D 182 1.99 39.98 -32.36
CA GLY D 182 2.29 40.15 -33.77
C GLY D 182 2.27 38.88 -34.59
N LEU D 183 1.31 38.00 -34.32
CA LEU D 183 1.12 36.79 -35.12
C LEU D 183 -0.08 36.99 -36.04
N SER D 184 -0.04 36.35 -37.19
CA SER D 184 -1.14 36.45 -38.14
C SER D 184 -2.37 35.78 -37.56
N GLY D 185 -3.43 36.56 -37.34
CA GLY D 185 -4.65 35.99 -36.77
C GLY D 185 -5.25 34.92 -37.64
N SER D 186 -5.19 35.10 -38.95
CA SER D 186 -5.73 34.10 -39.86
C SER D 186 -4.90 32.83 -39.78
N ASP D 187 -3.57 32.96 -39.70
CA ASP D 187 -2.74 31.77 -39.59
C ASP D 187 -2.90 31.12 -38.23
N VAL D 188 -3.17 31.92 -37.19
CA VAL D 188 -3.44 31.35 -35.87
C VAL D 188 -4.70 30.49 -35.92
N LEU D 189 -5.77 31.02 -36.53
CA LEU D 189 -6.98 30.22 -36.64
C LEU D 189 -6.76 29.02 -37.55
N ASP D 190 -5.84 29.13 -38.51
CA ASP D 190 -5.52 28.02 -39.39
C ASP D 190 -4.67 26.97 -38.69
N ASN D 191 -4.04 27.32 -37.58
CA ASN D 191 -3.18 26.41 -36.84
C ASN D 191 -3.85 25.98 -35.54
N VAL D 192 -5.14 26.23 -35.40
CA VAL D 192 -5.94 25.80 -34.26
C VAL D 192 -7.11 24.99 -34.79
N ALA D 193 -7.15 23.71 -34.44
CA ALA D 193 -8.25 22.85 -34.81
C ALA D 193 -9.18 22.77 -33.61
N TYR D 194 -10.47 22.97 -33.87
CA TYR D 194 -11.46 23.11 -32.81
C TYR D 194 -12.59 22.12 -32.97
N ALA D 195 -13.08 21.61 -31.85
CA ALA D 195 -14.21 20.69 -31.84
C ALA D 195 -14.84 20.70 -30.46
N ARG D 196 -16.17 20.71 -30.44
CA ARG D 196 -16.93 20.76 -29.20
C ARG D 196 -17.38 19.35 -28.85
N ALA D 197 -17.02 18.90 -27.65
CA ALA D 197 -17.43 17.58 -27.18
C ALA D 197 -18.82 17.64 -26.56
N PHE D 198 -19.72 16.78 -27.03
CA PHE D 198 -21.09 16.80 -26.54
C PHE D 198 -21.28 15.96 -25.29
N ASN D 199 -20.39 15.02 -25.01
CA ASN D 199 -20.51 14.15 -23.85
C ASN D 199 -19.14 13.62 -23.49
N THR D 200 -19.07 12.85 -22.41
CA THR D 200 -17.79 12.28 -21.98
C THR D 200 -17.29 11.27 -22.99
N ASP D 201 -18.20 10.43 -23.49
CA ASP D 201 -17.83 9.46 -24.52
C ASP D 201 -17.35 10.17 -25.78
N HIS D 202 -18.04 11.23 -26.19
CA HIS D 202 -17.58 12.00 -27.33
C HIS D 202 -16.28 12.73 -27.03
N GLN D 203 -16.12 13.18 -25.78
CA GLN D 203 -14.89 13.85 -25.40
C GLN D 203 -13.69 12.92 -25.54
N THR D 204 -13.86 11.67 -25.11
CA THR D 204 -12.77 10.71 -25.26
C THR D 204 -12.63 10.28 -26.72
N GLN D 205 -13.74 10.17 -27.44
CA GLN D 205 -13.69 9.72 -28.83
C GLN D 205 -12.93 10.72 -29.69
N LEU D 206 -12.99 12.01 -29.34
CA LEU D 206 -12.27 12.99 -30.13
C LEU D 206 -10.77 12.77 -30.04
N LEU D 207 -10.31 12.12 -28.97
CA LEU D 207 -8.88 11.85 -28.81
C LEU D 207 -8.40 10.86 -29.85
N TYR D 208 -9.30 9.97 -30.31
CA TYR D 208 -8.94 9.05 -31.38
C TYR D 208 -8.62 9.79 -32.67
N GLN D 209 -9.43 10.80 -33.04
CA GLN D 209 -9.08 11.61 -34.20
C GLN D 209 -7.85 12.47 -33.93
N ALA D 210 -7.70 12.91 -32.67
CA ALA D 210 -6.57 13.77 -32.31
C ALA D 210 -5.24 13.06 -32.43
N SER D 211 -5.18 11.79 -32.02
CA SER D 211 -3.93 11.05 -32.07
C SER D 211 -3.45 10.85 -33.49
N ALA D 212 -4.35 10.50 -34.40
CA ALA D 212 -3.95 10.30 -35.79
C ALA D 212 -3.65 11.63 -36.48
N MET D 213 -4.40 12.69 -36.14
CA MET D 213 -4.19 13.99 -36.79
C MET D 213 -2.92 14.65 -36.30
N MET D 214 -2.54 14.44 -35.03
CA MET D 214 -1.34 15.00 -34.43
C MET D 214 -0.06 14.36 -34.95
N VAL D 215 -0.17 13.31 -35.75
CA VAL D 215 1.01 12.66 -36.31
C VAL D 215 1.48 13.39 -37.57
N GLU D 216 0.53 13.87 -38.38
CA GLU D 216 0.88 14.52 -39.65
C GLU D 216 1.42 15.93 -39.45
N SER D 217 0.98 16.66 -38.43
CA SER D 217 1.46 18.01 -38.19
C SER D 217 1.98 18.12 -36.78
N ARG D 218 2.95 19.02 -36.60
CA ARG D 218 3.52 19.30 -35.29
C ARG D 218 2.55 20.17 -34.49
N TYR D 219 2.14 19.66 -33.34
CA TYR D 219 1.39 20.42 -32.36
C TYR D 219 2.20 20.56 -31.10
N ALA D 220 1.82 21.55 -30.30
CA ALA D 220 2.51 21.88 -29.07
C ALA D 220 1.57 22.02 -27.89
N LEU D 221 0.27 22.14 -28.12
CA LEU D 221 -0.69 22.40 -27.06
C LEU D 221 -2.01 21.71 -27.34
N LEU D 222 -2.54 21.04 -26.32
CA LEU D 222 -3.85 20.41 -26.35
C LEU D 222 -4.66 21.02 -25.22
N ILE D 223 -5.81 21.62 -25.56
CA ILE D 223 -6.65 22.31 -24.59
C ILE D 223 -7.98 21.57 -24.45
N VAL D 224 -8.36 21.28 -23.22
CA VAL D 224 -9.65 20.67 -22.89
C VAL D 224 -10.31 21.55 -21.85
N ASP D 225 -11.34 22.28 -22.25
CA ASP D 225 -11.93 23.35 -21.43
C ASP D 225 -13.24 22.87 -20.82
N SER D 226 -13.37 23.06 -19.50
CA SER D 226 -14.40 22.39 -18.70
C SER D 226 -14.30 20.87 -18.81
N ALA D 227 -13.07 20.36 -18.73
CA ALA D 227 -12.82 18.93 -18.87
C ALA D 227 -13.63 18.09 -17.88
N THR D 228 -13.88 18.60 -16.68
CA THR D 228 -14.65 17.86 -15.69
C THR D 228 -16.15 18.14 -15.74
N ALA D 229 -16.59 19.14 -16.52
CA ALA D 229 -18.01 19.48 -16.51
C ALA D 229 -18.87 18.36 -17.09
N LEU D 230 -18.42 17.72 -18.18
CA LEU D 230 -19.21 16.67 -18.79
C LEU D 230 -19.33 15.43 -17.92
N TYR D 231 -18.37 15.20 -17.01
CA TYR D 231 -18.51 14.06 -16.11
C TYR D 231 -19.53 14.34 -15.02
N ARG D 232 -19.90 15.60 -14.84
CA ARG D 232 -20.92 16.01 -13.88
C ARG D 232 -22.29 16.14 -14.53
N THR D 233 -22.35 16.61 -15.77
CA THR D 233 -23.63 16.78 -16.46
C THR D 233 -24.14 15.45 -16.98
N ASP D 234 -23.25 14.64 -17.56
CA ASP D 234 -23.62 13.32 -18.08
C ASP D 234 -23.89 12.36 -16.93
N TYR D 235 -22.88 12.11 -16.11
CA TYR D 235 -22.97 11.21 -14.98
C TYR D 235 -23.38 12.03 -13.77
N SER D 236 -24.70 12.10 -13.53
CA SER D 236 -25.24 12.87 -12.43
C SER D 236 -25.70 12.01 -11.27
N GLY D 237 -25.88 10.71 -11.49
CA GLY D 237 -26.31 9.83 -10.42
C GLY D 237 -25.16 9.49 -9.49
N ARG D 238 -25.50 8.78 -8.41
CA ARG D 238 -24.51 8.38 -7.43
C ARG D 238 -23.97 6.97 -7.65
N GLY D 239 -24.80 6.06 -8.16
CA GLY D 239 -24.33 4.73 -8.51
C GLY D 239 -23.43 4.72 -9.73
N GLU D 240 -23.51 5.75 -10.57
CA GLU D 240 -22.70 5.86 -11.77
C GLU D 240 -21.40 6.64 -11.55
N LEU D 241 -21.03 6.91 -10.30
CA LEU D 241 -19.82 7.68 -10.04
C LEU D 241 -18.58 6.92 -10.48
N SER D 242 -18.51 5.62 -10.16
CA SER D 242 -17.35 4.84 -10.57
C SER D 242 -17.18 4.81 -12.07
N ALA D 243 -18.28 4.90 -12.82
CA ALA D 243 -18.17 4.84 -14.28
C ALA D 243 -17.52 6.09 -14.82
N ARG D 244 -17.95 7.27 -14.34
CA ARG D 244 -17.32 8.51 -14.77
C ARG D 244 -15.88 8.60 -14.27
N GLN D 245 -15.60 8.05 -13.07
CA GLN D 245 -14.22 8.04 -12.60
C GLN D 245 -13.33 7.16 -13.46
N MET D 246 -13.84 6.00 -13.88
CA MET D 246 -13.10 5.15 -14.81
C MET D 246 -12.88 5.82 -16.15
N HIS D 247 -13.93 6.46 -16.69
CA HIS D 247 -13.79 7.14 -17.97
C HIS D 247 -12.77 8.27 -17.87
N LEU D 248 -12.82 9.04 -16.76
CA LEU D 248 -11.85 10.10 -16.56
C LEU D 248 -10.45 9.54 -16.42
N ALA D 249 -10.29 8.44 -15.69
CA ALA D 249 -8.97 7.81 -15.55
C ALA D 249 -8.40 7.42 -16.90
N ARG D 250 -9.23 6.77 -17.73
CA ARG D 250 -8.78 6.38 -19.06
C ARG D 250 -8.45 7.62 -19.90
N PHE D 251 -9.27 8.66 -19.77
CA PHE D 251 -9.02 9.90 -20.51
C PHE D 251 -7.68 10.49 -20.11
N LEU D 252 -7.39 10.53 -18.81
CA LEU D 252 -6.13 11.07 -18.32
C LEU D 252 -4.95 10.24 -18.80
N ARG D 253 -5.10 8.91 -18.79
CA ARG D 253 -4.04 8.05 -19.30
C ARG D 253 -3.80 8.32 -20.78
N MET D 254 -4.87 8.52 -21.54
CA MET D 254 -4.73 8.87 -22.95
C MET D 254 -4.01 10.20 -23.11
N LEU D 255 -4.31 11.16 -22.24
CA LEU D 255 -3.61 12.45 -22.27
C LEU D 255 -2.12 12.25 -22.05
N LEU D 256 -1.76 11.48 -21.02
CA LEU D 256 -0.34 11.22 -20.75
C LEU D 256 0.33 10.52 -21.92
N ARG D 257 -0.37 9.55 -22.52
CA ARG D 257 0.16 8.83 -23.68
C ARG D 257 0.43 9.78 -24.84
N LEU D 258 -0.54 10.66 -25.15
CA LEU D 258 -0.35 11.62 -26.23
C LEU D 258 0.77 12.61 -25.92
N ALA D 259 0.88 13.01 -24.65
CA ALA D 259 1.93 13.92 -24.22
C ALA D 259 3.30 13.29 -24.43
N ASP D 260 3.46 12.03 -24.03
CA ASP D 260 4.74 11.36 -24.22
C ASP D 260 5.00 11.05 -25.69
N GLU D 261 3.93 10.92 -26.48
CA GLU D 261 4.09 10.56 -27.89
C GLU D 261 4.51 11.75 -28.74
N PHE D 262 3.82 12.88 -28.55
CA PHE D 262 4.06 14.06 -29.38
C PHE D 262 4.85 15.15 -28.66
N GLY D 263 5.16 14.99 -27.38
CA GLY D 263 5.91 16.01 -26.67
C GLY D 263 5.18 17.32 -26.58
N VAL D 264 3.85 17.28 -26.50
CA VAL D 264 3.02 18.47 -26.44
C VAL D 264 2.58 18.72 -25.01
N ALA D 265 2.15 19.95 -24.76
CA ALA D 265 1.63 20.37 -23.46
C ALA D 265 0.16 20.00 -23.38
N VAL D 266 -0.25 19.44 -22.24
CA VAL D 266 -1.63 19.03 -22.04
C VAL D 266 -2.26 19.92 -20.97
N VAL D 267 -3.26 20.69 -21.37
CA VAL D 267 -3.95 21.65 -20.51
C VAL D 267 -5.41 21.25 -20.40
N ILE D 268 -5.88 21.03 -19.17
CA ILE D 268 -7.26 20.69 -18.91
C ILE D 268 -7.76 21.64 -17.84
N THR D 269 -9.03 22.05 -17.93
CA THR D 269 -9.59 23.00 -16.99
C THR D 269 -10.68 22.36 -16.14
N ASN D 270 -10.68 22.70 -14.85
CA ASN D 270 -11.56 22.12 -13.87
C ASN D 270 -12.28 23.22 -13.11
N GLN D 271 -13.60 23.13 -13.03
CA GLN D 271 -14.40 24.07 -12.26
C GLN D 271 -14.55 23.52 -10.86
N VAL D 272 -14.28 24.36 -9.86
CA VAL D 272 -14.41 23.98 -8.45
C VAL D 272 -15.55 24.82 -7.88
N VAL D 273 -16.74 24.22 -7.82
CA VAL D 273 -17.92 24.88 -7.29
C VAL D 273 -17.82 25.03 -5.78
N GLY D 292 -10.91 15.61 -9.10
CA GLY D 292 -10.68 14.29 -8.55
C GLY D 292 -9.29 14.08 -8.01
N ASN D 293 -9.17 13.25 -6.97
CA ASN D 293 -7.87 12.95 -6.38
C ASN D 293 -6.99 12.14 -7.33
N ILE D 294 -7.58 11.51 -8.35
CA ILE D 294 -6.81 10.74 -9.32
C ILE D 294 -5.89 11.63 -10.13
N ILE D 295 -6.28 12.87 -10.41
CA ILE D 295 -5.45 13.71 -11.25
C ILE D 295 -4.16 14.13 -10.55
N ALA D 296 -4.13 14.15 -9.22
CA ALA D 296 -2.95 14.64 -8.51
C ALA D 296 -1.67 13.92 -8.93
N HIS D 297 -1.64 12.58 -8.86
CA HIS D 297 -0.43 11.86 -9.26
C HIS D 297 -0.16 12.03 -10.76
N ALA D 298 -1.20 12.24 -11.56
CA ALA D 298 -1.06 12.29 -13.00
C ALA D 298 -0.65 13.68 -13.46
N SER D 299 -1.25 14.71 -12.88
CA SER D 299 -0.90 16.08 -13.21
C SER D 299 0.42 16.41 -12.52
N THR D 300 1.30 17.09 -13.24
CA THR D 300 2.60 17.44 -12.66
C THR D 300 2.58 18.75 -11.92
N THR D 301 1.77 19.72 -12.34
CA THR D 301 1.76 21.03 -11.70
C THR D 301 0.31 21.46 -11.51
N ARG D 302 -0.07 21.70 -10.26
CA ARG D 302 -1.43 22.12 -9.93
C ARG D 302 -1.39 23.60 -9.56
N LEU D 303 -2.19 24.38 -10.26
CA LEU D 303 -2.30 25.81 -10.08
C LEU D 303 -3.71 26.15 -9.61
N TYR D 304 -3.80 26.89 -8.53
CA TYR D 304 -5.06 27.34 -7.97
C TYR D 304 -5.27 28.78 -8.40
N LEU D 305 -6.41 29.03 -9.02
CA LEU D 305 -6.73 30.37 -9.51
C LEU D 305 -7.88 30.94 -8.72
N ARG D 306 -7.73 32.18 -8.26
CA ARG D 306 -8.80 32.87 -7.55
C ARG D 306 -8.90 34.31 -8.01
N LYS D 307 -10.10 34.86 -7.90
CA LYS D 307 -10.38 36.19 -8.41
C LYS D 307 -9.86 37.25 -7.45
N GLY D 308 -9.13 38.22 -7.99
CA GLY D 308 -9.00 39.53 -7.39
C GLY D 308 -9.96 40.47 -8.09
N ARG D 309 -10.55 41.38 -7.33
CA ARG D 309 -11.68 42.13 -7.85
C ARG D 309 -11.22 43.06 -8.98
N GLY D 310 -12.19 43.42 -9.84
CA GLY D 310 -11.89 43.84 -11.19
C GLY D 310 -11.55 42.65 -12.06
N GLU D 311 -10.57 42.80 -12.95
CA GLU D 311 -10.21 41.75 -13.89
C GLU D 311 -8.85 41.13 -13.59
N THR D 312 -8.33 41.34 -12.39
CA THR D 312 -6.99 40.91 -12.03
C THR D 312 -7.07 39.68 -11.13
N ARG D 313 -6.36 38.62 -11.50
CA ARG D 313 -6.47 37.30 -10.89
C ARG D 313 -5.20 36.90 -10.16
N ILE D 314 -5.38 36.17 -9.05
CA ILE D 314 -4.29 35.64 -8.24
C ILE D 314 -4.08 34.18 -8.59
N CYS D 315 -2.82 33.80 -8.85
CA CYS D 315 -2.44 32.44 -9.17
C CYS D 315 -1.54 31.93 -8.05
N LYS D 316 -1.77 30.69 -7.63
CA LYS D 316 -1.00 30.04 -6.59
C LYS D 316 -0.60 28.65 -7.05
N ILE D 317 0.59 28.20 -6.67
CA ILE D 317 1.03 26.84 -6.94
C ILE D 317 0.73 26.02 -5.71
N TYR D 318 -0.03 24.94 -5.88
CA TYR D 318 -0.49 24.18 -4.72
C TYR D 318 0.16 22.80 -4.61
N ASP D 319 0.77 22.32 -5.68
CA ASP D 319 1.77 21.25 -5.57
C ASP D 319 2.70 21.37 -6.77
N SER D 320 4.00 21.29 -6.52
CA SER D 320 4.94 20.92 -7.55
C SER D 320 6.17 20.32 -6.90
N PRO D 321 6.59 19.12 -7.31
CA PRO D 321 7.88 18.59 -6.84
C PRO D 321 9.07 19.49 -7.14
N CYS D 322 9.02 20.25 -8.23
CA CYS D 322 10.08 21.21 -8.54
C CYS D 322 9.71 22.66 -8.27
N LEU D 323 8.45 23.04 -8.49
CA LEU D 323 8.18 24.45 -8.26
C LEU D 323 7.75 24.70 -6.83
N PRO D 324 8.21 25.81 -6.24
CA PRO D 324 7.75 26.19 -4.90
C PRO D 324 6.24 26.39 -4.87
N GLU D 325 5.65 26.16 -3.70
CA GLU D 325 4.37 26.78 -3.38
C GLU D 325 4.56 28.29 -3.30
N ALA D 326 3.89 29.02 -4.18
CA ALA D 326 4.12 30.44 -4.37
C ALA D 326 2.93 31.03 -5.10
N GLU D 327 2.87 32.35 -5.15
CA GLU D 327 1.78 33.07 -5.78
C GLU D 327 2.32 34.16 -6.69
N ALA D 328 1.53 34.48 -7.71
CA ALA D 328 1.85 35.51 -8.69
C ALA D 328 0.55 36.17 -9.11
N MET D 329 0.61 37.48 -9.33
CA MET D 329 -0.57 38.24 -9.68
C MET D 329 -0.52 38.53 -11.17
N PHE D 330 -1.65 38.37 -11.85
CA PHE D 330 -1.72 38.64 -13.28
C PHE D 330 -3.08 39.22 -13.59
N ALA D 331 -3.26 39.72 -14.81
CA ALA D 331 -4.51 40.32 -15.22
C ALA D 331 -4.98 39.70 -16.53
N ILE D 332 -6.26 39.92 -16.81
CA ILE D 332 -6.91 39.48 -18.03
C ILE D 332 -7.27 40.72 -18.85
N ASN D 333 -6.52 40.94 -19.92
CA ASN D 333 -6.58 42.14 -20.73
C ASN D 333 -7.15 41.75 -22.09
N ALA D 334 -7.77 42.73 -22.77
CA ALA D 334 -8.39 42.45 -24.07
C ALA D 334 -7.45 41.73 -25.02
N ASP D 335 -6.21 42.22 -25.14
CA ASP D 335 -5.23 41.54 -25.99
C ASP D 335 -4.83 40.16 -25.48
N GLY D 336 -4.81 39.95 -24.16
CA GLY D 336 -3.91 38.95 -23.61
C GLY D 336 -4.27 38.48 -22.23
N VAL D 337 -3.69 37.35 -21.86
CA VAL D 337 -3.47 37.04 -20.45
C VAL D 337 -2.07 37.53 -20.11
N GLY D 338 -1.98 38.50 -19.21
CA GLY D 338 -0.87 39.44 -19.22
C GLY D 338 -0.66 39.96 -17.82
N ASP D 339 0.55 40.47 -17.58
CA ASP D 339 0.95 40.76 -16.22
C ASP D 339 0.09 41.86 -15.61
N ALA D 340 -0.06 41.81 -14.30
CA ALA D 340 -0.80 42.84 -13.59
C ALA D 340 -0.04 44.15 -13.65
N LYS D 341 -0.76 45.23 -13.98
CA LYS D 341 -0.16 46.57 -14.14
C LYS D 341 -1.01 47.55 -13.36
N ASP D 342 -0.74 47.60 -12.05
CA ASP D 342 -1.45 48.48 -11.12
C ASP D 342 -1.49 49.94 -11.60
N GLN E 104 2.09 -30.96 34.34
CA GLN E 104 2.00 -29.53 34.11
C GLN E 104 3.15 -29.00 33.26
N ILE E 105 2.83 -28.56 32.05
CA ILE E 105 3.85 -28.04 31.14
C ILE E 105 4.20 -26.62 31.54
N THR E 106 5.48 -26.39 31.84
CA THR E 106 5.93 -25.07 32.23
C THR E 106 5.68 -24.05 31.13
N THR E 107 5.14 -22.90 31.52
CA THR E 107 5.01 -21.78 30.59
C THR E 107 6.35 -21.11 30.33
N GLY E 108 7.33 -21.37 31.19
CA GLY E 108 8.61 -20.68 31.16
C GLY E 108 8.60 -19.28 31.73
N SER E 109 7.44 -18.73 32.05
CA SER E 109 7.34 -17.61 32.97
C SER E 109 6.99 -18.14 34.35
N LYS E 110 7.86 -17.87 35.33
CA LYS E 110 7.62 -18.32 36.69
C LYS E 110 6.33 -17.73 37.24
N GLU E 111 6.13 -16.42 37.05
CA GLU E 111 4.91 -15.78 37.53
C GLU E 111 3.67 -16.40 36.87
N LEU E 112 3.76 -16.73 35.58
CA LEU E 112 2.63 -17.37 34.91
C LEU E 112 2.44 -18.79 35.44
N ASP E 113 3.54 -19.51 35.69
CA ASP E 113 3.45 -20.83 36.29
C ASP E 113 2.76 -20.78 37.63
N LYS E 114 3.10 -19.79 38.47
CA LYS E 114 2.42 -19.61 39.75
C LYS E 114 0.96 -19.30 39.52
N LEU E 115 0.65 -18.49 38.50
CA LEU E 115 -0.73 -18.17 38.21
C LEU E 115 -1.52 -19.43 37.87
N LEU E 116 -0.91 -20.35 37.13
CA LEU E 116 -1.52 -21.60 36.73
C LEU E 116 -1.30 -22.73 37.73
N GLN E 117 -0.66 -22.46 38.87
CA GLN E 117 -0.30 -23.47 39.85
C GLN E 117 0.73 -24.47 39.33
N GLY E 118 1.56 -24.06 38.38
CA GLY E 118 2.65 -24.91 37.92
C GLY E 118 2.69 -25.14 36.43
N GLY E 119 1.62 -24.80 35.72
CA GLY E 119 1.58 -24.91 34.28
C GLY E 119 0.31 -25.54 33.79
N ILE E 120 0.20 -25.61 32.46
CA ILE E 120 -0.97 -26.18 31.81
C ILE E 120 -1.19 -27.63 32.26
N GLU E 121 -2.44 -27.96 32.55
CA GLU E 121 -2.85 -29.35 32.68
C GLU E 121 -2.88 -29.99 31.29
N THR E 122 -2.07 -31.01 31.07
CA THR E 122 -2.21 -31.84 29.89
C THR E 122 -3.57 -32.54 29.88
N GLY E 123 -4.05 -32.85 28.68
CA GLY E 123 -5.33 -33.47 28.50
C GLY E 123 -6.52 -32.55 28.51
N SER E 124 -6.30 -31.23 28.47
CA SER E 124 -7.40 -30.27 28.49
C SER E 124 -7.04 -29.09 27.60
N ILE E 125 -8.07 -28.36 27.19
CA ILE E 125 -7.90 -27.18 26.33
C ILE E 125 -7.77 -25.93 27.20
N THR E 126 -6.74 -25.14 26.94
CA THR E 126 -6.52 -23.86 27.60
C THR E 126 -6.59 -22.76 26.56
N GLU E 127 -7.54 -21.84 26.71
CA GLU E 127 -7.73 -20.77 25.74
C GLU E 127 -7.14 -19.47 26.28
N MET E 128 -6.35 -18.79 25.45
CA MET E 128 -5.82 -17.46 25.74
C MET E 128 -6.37 -16.48 24.71
N PHE E 129 -7.33 -15.67 25.15
CA PHE E 129 -7.94 -14.62 24.35
C PHE E 129 -7.37 -13.26 24.76
N GLY E 130 -6.94 -12.50 23.75
CA GLY E 130 -6.37 -11.18 23.99
C GLY E 130 -6.24 -10.45 22.68
N GLU E 131 -5.90 -9.17 22.79
CA GLU E 131 -5.71 -8.33 21.62
C GLU E 131 -4.54 -8.86 20.78
N PHE E 132 -4.46 -8.36 19.55
CA PHE E 132 -3.31 -8.66 18.71
C PHE E 132 -2.05 -8.09 19.36
N ARG E 133 -0.92 -8.75 19.11
CA ARG E 133 0.40 -8.34 19.58
C ARG E 133 0.54 -8.49 21.09
N THR E 134 -0.41 -9.15 21.77
CA THR E 134 -0.28 -9.39 23.20
C THR E 134 0.75 -10.48 23.51
N GLY E 135 1.15 -11.27 22.53
CA GLY E 135 2.10 -12.33 22.75
C GLY E 135 1.57 -13.75 22.71
N LYS E 136 0.33 -13.96 22.27
CA LYS E 136 -0.20 -15.32 22.13
C LYS E 136 0.76 -16.19 21.32
N THR E 137 1.14 -15.71 20.14
CA THR E 137 2.07 -16.46 19.29
C THR E 137 3.42 -16.69 19.96
N GLN E 138 3.93 -15.68 20.66
CA GLN E 138 5.21 -15.83 21.35
C GLN E 138 5.12 -16.92 22.41
N ILE E 139 4.04 -16.92 23.19
CA ILE E 139 3.82 -17.97 24.19
C ILE E 139 3.76 -19.32 23.52
N CYS E 140 3.07 -19.41 22.38
CA CYS E 140 3.01 -20.67 21.64
C CYS E 140 4.41 -21.15 21.25
N HIS E 141 5.22 -20.26 20.66
CA HIS E 141 6.59 -20.63 20.29
C HIS E 141 7.39 -21.10 21.49
N THR E 142 7.25 -20.42 22.63
CA THR E 142 7.98 -20.85 23.83
C THR E 142 7.53 -22.23 24.27
N LEU E 143 6.21 -22.45 24.39
CA LEU E 143 5.71 -23.74 24.82
C LEU E 143 6.07 -24.85 23.84
N ALA E 144 6.20 -24.53 22.56
CA ALA E 144 6.53 -25.54 21.56
C ALA E 144 7.86 -26.19 21.85
N VAL E 145 8.72 -25.50 22.61
CA VAL E 145 10.01 -26.02 22.98
C VAL E 145 10.01 -26.54 24.40
N THR E 146 9.38 -25.79 25.31
CA THR E 146 9.35 -26.19 26.72
C THR E 146 8.65 -27.52 26.90
N CYS E 147 7.68 -27.85 26.05
CA CYS E 147 7.02 -29.15 26.14
C CYS E 147 8.03 -30.29 26.07
N GLN E 148 9.09 -30.13 25.27
CA GLN E 148 10.10 -31.16 25.13
C GLN E 148 11.02 -31.26 26.34
N LEU E 149 10.96 -30.28 27.25
CA LEU E 149 11.78 -30.32 28.46
C LEU E 149 11.43 -31.52 29.33
N PRO E 150 12.37 -31.96 30.16
CA PRO E 150 12.04 -33.03 31.11
C PRO E 150 10.90 -32.63 32.03
N ILE E 151 10.16 -33.65 32.50
CA ILE E 151 9.03 -33.38 33.38
C ILE E 151 9.48 -32.71 34.66
N ASP E 152 10.67 -33.08 35.15
CA ASP E 152 11.21 -32.44 36.35
C ASP E 152 11.53 -30.96 36.09
N ARG E 153 11.70 -30.57 34.83
CA ARG E 153 11.93 -29.18 34.48
C ARG E 153 10.67 -28.46 34.05
N GLY E 154 9.51 -29.09 34.20
CA GLY E 154 8.26 -28.49 33.82
C GLY E 154 7.79 -28.81 32.42
N GLY E 155 8.46 -29.73 31.73
CA GLY E 155 8.04 -30.14 30.40
C GLY E 155 7.14 -31.36 30.42
N GLY E 156 6.84 -31.85 29.23
CA GLY E 156 6.05 -33.06 29.06
C GLY E 156 6.83 -34.21 28.45
N GLU E 157 8.09 -33.95 28.08
CA GLU E 157 8.93 -34.93 27.42
C GLU E 157 8.23 -35.49 26.18
N GLY E 158 7.68 -34.58 25.38
CA GLY E 158 6.98 -34.96 24.18
C GLY E 158 7.21 -33.95 23.08
N LYS E 159 6.91 -34.38 21.86
CA LYS E 159 7.07 -33.55 20.69
C LYS E 159 5.94 -32.52 20.61
N ALA E 160 6.13 -31.51 19.78
CA ALA E 160 5.17 -30.41 19.64
C ALA E 160 4.53 -30.40 18.26
N MET E 161 3.30 -29.87 18.23
CA MET E 161 2.53 -29.73 16.99
C MET E 161 2.03 -28.31 16.84
N TYR E 162 2.46 -27.66 15.75
CA TYR E 162 2.11 -26.28 15.46
C TYR E 162 1.29 -26.25 14.18
N ILE E 163 0.02 -25.89 14.30
CA ILE E 163 -0.86 -25.69 13.16
C ILE E 163 -1.01 -24.19 13.02
N ASP E 164 -0.46 -23.63 11.96
CA ASP E 164 -0.46 -22.18 11.76
C ASP E 164 -1.47 -21.76 10.70
N THR E 165 -2.17 -20.67 10.97
CA THR E 165 -3.12 -20.10 10.04
C THR E 165 -2.80 -18.66 9.69
N GLU E 166 -1.71 -18.11 10.24
CA GLU E 166 -1.45 -16.68 10.19
C GLU E 166 -0.04 -16.35 9.71
N GLY E 167 0.78 -17.34 9.39
CA GLY E 167 2.11 -17.14 8.85
C GLY E 167 3.19 -16.80 9.85
N THR E 168 2.83 -16.68 11.13
CA THR E 168 3.74 -16.19 12.16
C THR E 168 4.67 -17.26 12.72
N PHE E 169 4.75 -18.42 12.08
CA PHE E 169 5.61 -19.49 12.59
C PHE E 169 7.07 -19.18 12.31
N ARG E 170 7.87 -19.21 13.35
CA ARG E 170 9.30 -18.88 13.28
C ARG E 170 10.12 -19.99 13.92
N PRO E 171 10.81 -20.81 13.14
CA PRO E 171 11.67 -21.84 13.74
C PRO E 171 12.79 -21.21 14.55
N GLU E 172 13.20 -19.99 14.18
CA GLU E 172 14.26 -19.31 14.91
C GLU E 172 13.83 -18.95 16.33
N ARG E 173 12.55 -18.63 16.53
CA ARG E 173 12.05 -18.43 17.88
C ARG E 173 12.14 -19.72 18.68
N LEU E 174 11.84 -20.86 18.04
CA LEU E 174 11.98 -22.15 18.70
C LEU E 174 13.43 -22.41 19.05
N LEU E 175 14.36 -22.02 18.17
CA LEU E 175 15.78 -22.19 18.45
C LEU E 175 16.21 -21.35 19.64
N ALA E 176 15.68 -20.12 19.72
CA ALA E 176 15.97 -19.24 20.85
C ALA E 176 15.46 -19.82 22.15
N VAL E 177 14.24 -20.36 22.14
CA VAL E 177 13.71 -20.96 23.36
C VAL E 177 14.53 -22.20 23.74
N ALA E 178 14.92 -23.00 22.75
CA ALA E 178 15.72 -24.18 23.04
C ALA E 178 17.08 -23.82 23.65
N GLU E 179 17.75 -22.81 23.09
CA GLU E 179 19.03 -22.40 23.66
C GLU E 179 18.88 -21.74 25.02
N ARG E 180 17.75 -21.07 25.27
CA ARG E 180 17.53 -20.49 26.60
C ARG E 180 17.55 -21.57 27.67
N TYR E 181 16.75 -22.62 27.48
CA TYR E 181 16.66 -23.75 28.40
C TYR E 181 17.70 -24.82 28.11
N GLY E 182 18.61 -24.57 27.18
CA GLY E 182 19.64 -25.54 26.84
C GLY E 182 19.16 -26.78 26.14
N LEU E 183 18.21 -26.63 25.21
CA LEU E 183 17.76 -27.74 24.39
C LEU E 183 18.35 -27.61 23.00
N SER E 184 18.58 -28.75 22.35
CA SER E 184 19.13 -28.75 21.01
C SER E 184 18.12 -28.13 20.05
N GLY E 185 18.49 -27.02 19.43
CA GLY E 185 17.58 -26.36 18.51
C GLY E 185 17.22 -27.23 17.33
N SER E 186 18.19 -28.01 16.84
CA SER E 186 17.91 -28.90 15.72
C SER E 186 16.96 -29.99 16.15
N ASP E 187 17.14 -30.53 17.36
CA ASP E 187 16.23 -31.57 17.82
C ASP E 187 14.86 -30.99 18.14
N VAL E 188 14.81 -29.73 18.57
CA VAL E 188 13.53 -29.07 18.80
C VAL E 188 12.77 -28.96 17.47
N LEU E 189 13.44 -28.51 16.42
CA LEU E 189 12.76 -28.43 15.13
C LEU E 189 12.42 -29.82 14.60
N ASP E 190 13.20 -30.83 14.99
CA ASP E 190 12.91 -32.20 14.60
C ASP E 190 11.74 -32.79 15.37
N ASN E 191 11.40 -32.20 16.51
CA ASN E 191 10.31 -32.67 17.35
C ASN E 191 9.10 -31.76 17.26
N VAL E 192 9.09 -30.87 16.27
CA VAL E 192 7.96 -29.99 16.00
C VAL E 192 7.54 -30.20 14.57
N ALA E 193 6.33 -30.69 14.36
CA ALA E 193 5.78 -30.87 13.04
C ALA E 193 4.88 -29.68 12.75
N TYR E 194 5.06 -29.08 11.59
CA TYR E 194 4.41 -27.81 11.26
C TYR E 194 3.64 -27.93 9.96
N ALA E 195 2.49 -27.25 9.93
CA ALA E 195 1.66 -27.21 8.74
C ALA E 195 0.74 -25.99 8.81
N ARG E 196 0.60 -25.31 7.67
CA ARG E 196 -0.20 -24.10 7.60
C ARG E 196 -1.57 -24.46 7.03
N ALA E 197 -2.62 -24.13 7.76
CA ALA E 197 -3.98 -24.38 7.29
C ALA E 197 -4.46 -23.25 6.39
N PHE E 198 -4.93 -23.60 5.20
CA PHE E 198 -5.35 -22.59 4.25
C PHE E 198 -6.81 -22.16 4.44
N ASN E 199 -7.62 -22.99 5.09
CA ASN E 199 -9.02 -22.66 5.29
C ASN E 199 -9.52 -23.45 6.50
N THR E 200 -10.79 -23.22 6.85
CA THR E 200 -11.36 -23.92 8.00
C THR E 200 -11.47 -25.41 7.72
N ASP E 201 -11.90 -25.76 6.51
CA ASP E 201 -11.99 -27.16 6.13
C ASP E 201 -10.61 -27.81 6.15
N HIS E 202 -9.59 -27.10 5.63
CA HIS E 202 -8.23 -27.63 5.71
C HIS E 202 -7.72 -27.66 7.14
N GLN E 203 -8.14 -26.69 7.95
CA GLN E 203 -7.73 -26.68 9.35
C GLN E 203 -8.24 -27.91 10.08
N THR E 204 -9.50 -28.27 9.82
CA THR E 204 -10.04 -29.47 10.44
C THR E 204 -9.47 -30.73 9.80
N GLN E 205 -9.22 -30.70 8.49
CA GLN E 205 -8.69 -31.87 7.80
C GLN E 205 -7.31 -32.23 8.32
N LEU E 206 -6.52 -31.23 8.74
CA LEU E 206 -5.19 -31.54 9.25
C LEU E 206 -5.27 -32.36 10.53
N LEU E 207 -6.41 -32.29 11.23
CA LEU E 207 -6.57 -33.05 12.46
C LEU E 207 -6.64 -34.53 12.16
N TYR E 208 -7.14 -34.89 10.97
CA TYR E 208 -7.15 -36.29 10.57
C TYR E 208 -5.74 -36.85 10.44
N GLN E 209 -4.82 -36.10 9.84
CA GLN E 209 -3.43 -36.55 9.82
C GLN E 209 -2.81 -36.50 11.20
N ALA E 210 -3.23 -35.52 12.01
CA ALA E 210 -2.66 -35.36 13.34
C ALA E 210 -3.02 -36.52 14.26
N SER E 211 -4.26 -37.01 14.17
CA SER E 211 -4.67 -38.10 15.05
C SER E 211 -3.89 -39.38 14.77
N ALA E 212 -3.70 -39.71 13.49
CA ALA E 212 -2.94 -40.92 13.17
C ALA E 212 -1.45 -40.74 13.44
N MET E 213 -0.91 -39.54 13.21
CA MET E 213 0.51 -39.30 13.43
C MET E 213 0.86 -39.25 14.91
N MET E 214 -0.05 -38.75 15.74
CA MET E 214 0.13 -38.64 17.18
C MET E 214 0.09 -39.99 17.89
N VAL E 215 -0.25 -41.06 17.17
CA VAL E 215 -0.28 -42.39 17.77
C VAL E 215 1.11 -43.01 17.79
N GLU E 216 1.89 -42.78 16.74
CA GLU E 216 3.21 -43.39 16.62
C GLU E 216 4.24 -42.72 17.53
N SER E 217 4.13 -41.43 17.78
CA SER E 217 5.09 -40.74 18.64
C SER E 217 4.35 -40.02 19.75
N ARG E 218 5.04 -39.88 20.89
CA ARG E 218 4.49 -39.16 22.03
C ARG E 218 4.58 -37.66 21.79
N TYR E 219 3.43 -37.01 21.82
CA TYR E 219 3.34 -35.57 21.80
C TYR E 219 2.75 -35.09 23.11
N ALA E 220 2.99 -33.81 23.38
CA ALA E 220 2.54 -33.17 24.61
C ALA E 220 1.83 -31.86 24.37
N LEU E 221 1.92 -31.29 23.17
CA LEU E 221 1.38 -29.97 22.90
C LEU E 221 0.88 -29.88 21.46
N LEU E 222 -0.32 -29.34 21.31
CA LEU E 222 -0.93 -29.07 20.01
C LEU E 222 -1.24 -27.58 19.97
N ILE E 223 -0.67 -26.88 18.99
CA ILE E 223 -0.82 -25.43 18.88
C ILE E 223 -1.61 -25.10 17.62
N VAL E 224 -2.65 -24.28 17.77
CA VAL E 224 -3.46 -23.78 16.67
C VAL E 224 -3.48 -22.26 16.78
N ASP E 225 -2.77 -21.58 15.91
CA ASP E 225 -2.51 -20.14 16.03
C ASP E 225 -3.39 -19.36 15.06
N SER E 226 -4.08 -18.35 15.59
CA SER E 226 -5.20 -17.68 14.89
C SER E 226 -6.30 -18.69 14.56
N ALA E 227 -6.62 -19.55 15.53
CA ALA E 227 -7.63 -20.60 15.33
C ALA E 227 -8.97 -20.04 14.87
N THR E 228 -9.34 -18.84 15.32
CA THR E 228 -10.61 -18.25 14.92
C THR E 228 -10.52 -17.36 13.68
N ALA E 229 -9.31 -17.07 13.20
CA ALA E 229 -9.18 -16.14 12.07
C ALA E 229 -9.78 -16.73 10.79
N LEU E 230 -9.56 -18.03 10.54
CA LEU E 230 -10.07 -18.62 9.32
C LEU E 230 -11.58 -18.73 9.30
N TYR E 231 -12.24 -18.75 10.47
CA TYR E 231 -13.68 -18.76 10.48
C TYR E 231 -14.25 -17.40 10.17
N ARG E 232 -13.43 -16.35 10.23
CA ARG E 232 -13.80 -14.99 9.90
C ARG E 232 -13.44 -14.64 8.46
N THR E 233 -12.30 -15.14 7.97
CA THR E 233 -11.88 -14.84 6.60
C THR E 233 -12.64 -15.69 5.59
N ASP E 234 -12.83 -16.98 5.91
CA ASP E 234 -13.56 -17.88 5.02
C ASP E 234 -15.06 -17.56 5.07
N TYR E 235 -15.65 -17.69 6.25
CA TYR E 235 -17.08 -17.44 6.45
C TYR E 235 -17.22 -15.97 6.85
N SER E 236 -17.44 -15.13 5.84
CA SER E 236 -17.58 -13.70 6.06
C SER E 236 -19.02 -13.22 5.98
N GLY E 237 -19.92 -14.01 5.40
CA GLY E 237 -21.30 -13.63 5.30
C GLY E 237 -22.03 -13.79 6.62
N ARG E 238 -23.29 -13.35 6.63
CA ARG E 238 -24.11 -13.45 7.83
C ARG E 238 -25.01 -14.67 7.84
N GLY E 239 -25.48 -15.11 6.67
CA GLY E 239 -26.24 -16.33 6.59
C GLY E 239 -25.41 -17.58 6.82
N GLU E 240 -24.09 -17.48 6.62
CA GLU E 240 -23.19 -18.61 6.80
C GLU E 240 -22.59 -18.67 8.20
N LEU E 241 -23.12 -17.89 9.15
CA LEU E 241 -22.55 -17.89 10.50
C LEU E 241 -22.75 -19.23 11.18
N SER E 242 -23.94 -19.82 11.06
CA SER E 242 -24.19 -21.11 11.68
C SER E 242 -23.26 -22.19 11.13
N ALA E 243 -22.85 -22.06 9.87
CA ALA E 243 -21.98 -23.08 9.30
C ALA E 243 -20.59 -23.03 9.93
N ARG E 244 -20.02 -21.83 10.06
CA ARG E 244 -18.73 -21.70 10.73
C ARG E 244 -18.83 -22.07 12.21
N GLN E 245 -19.95 -21.76 12.85
CA GLN E 245 -20.13 -22.15 14.25
C GLN E 245 -20.18 -23.66 14.39
N MET E 246 -20.88 -24.34 13.48
CA MET E 246 -20.90 -25.81 13.49
C MET E 246 -19.51 -26.39 13.24
N HIS E 247 -18.79 -25.84 12.26
CA HIS E 247 -17.45 -26.34 11.98
C HIS E 247 -16.53 -26.13 13.17
N LEU E 248 -16.63 -24.96 13.81
CA LEU E 248 -15.83 -24.70 15.00
C LEU E 248 -16.20 -25.65 16.12
N ALA E 249 -17.50 -25.88 16.33
CA ALA E 249 -17.95 -26.82 17.36
C ALA E 249 -17.35 -28.21 17.14
N ARG E 250 -17.43 -28.70 15.90
CA ARG E 250 -16.85 -30.01 15.58
C ARG E 250 -15.34 -30.00 15.80
N PHE E 251 -14.69 -28.90 15.41
CA PHE E 251 -13.26 -28.78 15.60
C PHE E 251 -12.89 -28.86 17.08
N LEU E 252 -13.65 -28.15 17.92
CA LEU E 252 -13.41 -28.16 19.36
C LEU E 252 -13.64 -29.54 19.95
N ARG E 253 -14.70 -30.23 19.49
CA ARG E 253 -14.94 -31.58 19.96
C ARG E 253 -13.78 -32.50 19.57
N MET E 254 -13.26 -32.34 18.35
CA MET E 254 -12.10 -33.10 17.92
C MET E 254 -10.89 -32.80 18.80
N LEU E 255 -10.72 -31.53 19.18
CA LEU E 255 -9.64 -31.17 20.08
C LEU E 255 -9.78 -31.88 21.41
N LEU E 256 -10.97 -31.86 22.00
CA LEU E 256 -11.20 -32.54 23.26
C LEU E 256 -10.95 -34.04 23.14
N ARG E 257 -11.40 -34.63 22.02
CA ARG E 257 -11.18 -36.06 21.78
C ARG E 257 -9.69 -36.39 21.72
N LEU E 258 -8.92 -35.59 20.98
CA LEU E 258 -7.48 -35.84 20.89
C LEU E 258 -6.80 -35.62 22.24
N ALA E 259 -7.27 -34.63 23.01
CA ALA E 259 -6.72 -34.36 24.33
C ALA E 259 -6.93 -35.55 25.25
N ASP E 260 -8.15 -36.11 25.25
CA ASP E 260 -8.43 -37.26 26.09
C ASP E 260 -7.72 -38.51 25.58
N GLU E 261 -7.44 -38.56 24.28
CA GLU E 261 -6.84 -39.74 23.68
C GLU E 261 -5.35 -39.81 23.96
N PHE E 262 -4.64 -38.70 23.73
CA PHE E 262 -3.20 -38.67 23.86
C PHE E 262 -2.72 -37.98 25.13
N GLY E 263 -3.61 -37.40 25.93
CA GLY E 263 -3.18 -36.74 27.15
C GLY E 263 -2.28 -35.55 26.88
N VAL E 264 -2.49 -34.85 25.77
CA VAL E 264 -1.70 -33.71 25.38
C VAL E 264 -2.43 -32.42 25.71
N ALA E 265 -1.67 -31.33 25.76
CA ALA E 265 -2.21 -30.01 26.01
C ALA E 265 -2.68 -29.42 24.69
N VAL E 266 -3.86 -28.80 24.70
CA VAL E 266 -4.45 -28.20 23.51
C VAL E 266 -4.48 -26.69 23.68
N VAL E 267 -3.74 -26.00 22.83
CA VAL E 267 -3.60 -24.55 22.87
C VAL E 267 -4.13 -23.98 21.57
N ILE E 268 -5.10 -23.08 21.66
CA ILE E 268 -5.68 -22.40 20.51
C ILE E 268 -5.64 -20.91 20.80
N THR E 269 -5.39 -20.11 19.77
CA THR E 269 -5.30 -18.66 19.95
C THR E 269 -6.44 -17.94 19.24
N ASN E 270 -6.96 -16.92 19.91
CA ASN E 270 -8.12 -16.18 19.44
C ASN E 270 -7.81 -14.69 19.44
N GLN E 271 -8.05 -14.03 18.32
CA GLN E 271 -7.88 -12.59 18.22
C GLN E 271 -9.20 -11.91 18.59
N VAL E 272 -9.13 -10.94 19.47
CA VAL E 272 -10.32 -10.19 19.90
C VAL E 272 -10.14 -8.77 19.38
N VAL E 273 -10.76 -8.48 18.25
CA VAL E 273 -10.69 -7.15 17.63
C VAL E 273 -11.51 -6.15 18.44
N GLY E 292 -16.07 -17.20 20.54
CA GLY E 292 -17.42 -17.72 20.65
C GLY E 292 -17.78 -18.21 22.03
N ASN E 293 -19.06 -18.08 22.40
CA ASN E 293 -19.52 -18.53 23.70
C ASN E 293 -19.48 -20.04 23.83
N ILE E 294 -19.39 -20.76 22.71
CA ILE E 294 -19.31 -22.22 22.73
C ILE E 294 -18.02 -22.70 23.40
N ILE E 295 -16.93 -21.96 23.23
CA ILE E 295 -15.66 -22.43 23.78
C ILE E 295 -15.65 -22.40 25.31
N ALA E 296 -16.46 -21.55 25.93
CA ALA E 296 -16.39 -21.40 27.39
C ALA E 296 -16.57 -22.73 28.12
N HIS E 297 -17.65 -23.47 27.84
CA HIS E 297 -17.83 -24.75 28.51
C HIS E 297 -16.75 -25.75 28.12
N ALA E 298 -16.19 -25.61 26.92
CA ALA E 298 -15.24 -26.60 26.40
C ALA E 298 -13.84 -26.29 26.90
N SER E 299 -13.45 -25.03 26.90
CA SER E 299 -12.15 -24.61 27.39
C SER E 299 -12.19 -24.65 28.91
N THR E 300 -11.12 -25.16 29.51
CA THR E 300 -11.08 -25.25 30.97
C THR E 300 -10.52 -24.00 31.62
N THR E 301 -9.59 -23.31 30.97
CA THR E 301 -8.97 -22.14 31.58
C THR E 301 -8.90 -21.04 30.53
N ARG E 302 -9.52 -19.89 30.83
CA ARG E 302 -9.54 -18.75 29.91
C ARG E 302 -8.61 -17.69 30.47
N LEU E 303 -7.65 -17.28 29.66
CA LEU E 303 -6.66 -16.28 30.00
C LEU E 303 -6.84 -15.08 29.10
N TYR E 304 -6.94 -13.90 29.69
CA TYR E 304 -7.07 -12.66 28.97
C TYR E 304 -5.69 -11.99 28.95
N LEU E 305 -5.23 -11.67 27.76
CA LEU E 305 -3.92 -11.06 27.59
C LEU E 305 -4.09 -9.62 27.11
N ARG E 306 -3.38 -8.70 27.75
CA ARG E 306 -3.40 -7.31 27.33
C ARG E 306 -2.00 -6.73 27.39
N LYS E 307 -1.77 -5.72 26.55
CA LYS E 307 -0.44 -5.15 26.41
C LYS E 307 -0.16 -4.18 27.55
N GLY E 308 1.00 -4.34 28.17
CA GLY E 308 1.66 -3.26 28.88
C GLY E 308 2.73 -2.68 27.98
N ARG E 309 2.91 -1.37 28.04
CA ARG E 309 3.71 -0.71 27.02
C ARG E 309 5.17 -1.12 27.13
N GLY E 310 5.88 -0.97 26.02
CA GLY E 310 7.08 -1.75 25.76
C GLY E 310 6.73 -3.17 25.36
N GLU E 311 7.50 -4.15 25.84
CA GLU E 311 7.30 -5.55 25.46
C GLU E 311 6.77 -6.39 26.61
N THR E 312 6.24 -5.75 27.65
CA THR E 312 5.82 -6.45 28.86
C THR E 312 4.30 -6.54 28.89
N ARG E 313 3.77 -7.74 29.06
CA ARG E 313 2.36 -8.06 28.92
C ARG E 313 1.72 -8.46 30.24
N ILE E 314 0.44 -8.09 30.40
CA ILE E 314 -0.36 -8.42 31.57
C ILE E 314 -1.26 -9.60 31.23
N CYS E 315 -1.25 -10.62 32.09
CA CYS E 315 -2.08 -11.80 31.94
C CYS E 315 -3.09 -11.82 33.10
N LYS E 316 -4.33 -12.16 32.78
CA LYS E 316 -5.41 -12.25 33.74
C LYS E 316 -6.17 -13.56 33.54
N ILE E 317 -6.63 -14.17 34.62
CA ILE E 317 -7.47 -15.36 34.54
C ILE E 317 -8.91 -14.87 34.63
N TYR E 318 -9.73 -15.23 33.63
CA TYR E 318 -11.08 -14.70 33.58
C TYR E 318 -12.15 -15.74 33.83
N ASP E 319 -11.80 -17.02 33.77
CA ASP E 319 -12.59 -18.07 34.39
C ASP E 319 -11.67 -19.24 34.67
N SER E 320 -11.75 -19.78 35.89
CA SER E 320 -11.31 -21.13 36.14
C SER E 320 -12.06 -21.68 37.35
N PRO E 321 -12.70 -22.85 37.23
CA PRO E 321 -13.27 -23.50 38.41
C PRO E 321 -12.26 -23.78 39.51
N CYS E 322 -10.99 -24.01 39.18
CA CYS E 322 -9.95 -24.19 40.18
C CYS E 322 -9.03 -22.99 40.35
N LEU E 323 -8.73 -22.29 39.26
CA LEU E 323 -7.79 -21.19 39.48
C LEU E 323 -8.53 -19.90 39.82
N PRO E 324 -8.00 -19.12 40.76
CA PRO E 324 -8.57 -17.80 41.05
C PRO E 324 -8.59 -16.90 39.82
N GLU E 325 -9.56 -15.99 39.79
CA GLU E 325 -9.39 -14.78 38.99
C GLU E 325 -8.25 -13.95 39.57
N ALA E 326 -7.20 -13.77 38.77
CA ALA E 326 -5.96 -13.17 39.24
C ALA E 326 -5.16 -12.72 38.03
N GLU E 327 -4.11 -11.94 38.30
CA GLU E 327 -3.28 -11.39 37.25
C GLU E 327 -1.81 -11.62 37.57
N ALA E 328 -1.01 -11.69 36.51
CA ALA E 328 0.43 -11.88 36.61
C ALA E 328 1.08 -11.12 35.46
N MET E 329 2.23 -10.53 35.74
CA MET E 329 2.92 -9.71 34.76
C MET E 329 4.08 -10.53 34.20
N PHE E 330 4.26 -10.49 32.88
CA PHE E 330 5.37 -11.23 32.25
C PHE E 330 5.87 -10.40 31.08
N ALA E 331 6.99 -10.80 30.51
CA ALA E 331 7.59 -10.09 29.40
C ALA E 331 7.87 -11.06 28.25
N ILE E 332 8.09 -10.45 27.08
CA ILE E 332 8.44 -11.17 25.87
C ILE E 332 9.87 -10.80 25.51
N ASN E 333 10.78 -11.74 25.71
CA ASN E 333 12.22 -11.54 25.59
C ASN E 333 12.70 -12.35 24.40
N ALA E 334 13.81 -11.91 23.80
CA ALA E 334 14.34 -12.58 22.61
C ALA E 334 14.46 -14.09 22.82
N ASP E 335 15.04 -14.51 23.94
CA ASP E 335 15.15 -15.94 24.24
C ASP E 335 13.79 -16.61 24.46
N GLY E 336 12.82 -15.89 25.03
CA GLY E 336 11.79 -16.57 25.79
C GLY E 336 10.53 -15.77 25.99
N VAL E 337 9.48 -16.48 26.37
CA VAL E 337 8.38 -15.87 27.13
C VAL E 337 8.71 -16.08 28.60
N GLY E 338 8.90 -14.98 29.32
CA GLY E 338 9.75 -15.00 30.50
C GLY E 338 9.31 -13.91 31.45
N ASP E 339 9.68 -14.06 32.71
CA ASP E 339 9.09 -13.23 33.74
C ASP E 339 9.49 -11.78 33.56
N ALA E 340 8.61 -10.89 34.00
CA ALA E 340 8.90 -9.46 33.94
C ALA E 340 10.05 -9.12 34.89
N LYS E 341 11.01 -8.35 34.40
CA LYS E 341 12.22 -7.99 35.16
C LYS E 341 12.41 -6.48 35.04
N ASP E 342 11.66 -5.74 35.86
CA ASP E 342 11.70 -4.29 35.90
C ASP E 342 13.13 -3.74 36.00
#